data_6E97
#
_entry.id   6E97
#
_cell.length_a   206.127
_cell.length_b   51.327
_cell.length_c   111.363
_cell.angle_alpha   90.000
_cell.angle_beta   119.880
_cell.angle_gamma   90.000
#
_symmetry.space_group_name_H-M   'C 1 2 1'
#
loop_
_entity.id
_entity.type
_entity.pdbx_description
1 polymer '2,3-dihydroxybenzoate-AMP ligase'
2 non-polymer "5'-O-[(S)-[(2,3-dihydroxybenzene-1-carbonyl)oxy](hydroxy)phosphoryl]adenosine"
3 non-polymer 'SULFATE ION'
4 non-polymer GLYCEROL
5 water water
#
_entity_poly.entity_id   1
_entity_poly.type   'polypeptide(L)'
_entity_poly.pdbx_seq_one_letter_code
;GSHMLDGCTPWPAEFAVRYREAGYWTGETFSDFVTDRTRRFADRLAVVGAGQRWTYAELGERSAVLATGLARLGIAAGDR
VVVQLPNIPELFEVVFALFRLGALPVYALPAHRAHEITHLCTTAQAKALIIPDRHAGFDYRTMAAQLRHAGTAPEHVVVV
GEPGGFTPLAELRADRPDPGVFTRPEASDAAFLQLSGGTTGLPKLIPRTHDDYLYSVRASAEICALGTDTVYLAALPAVH
NFPMSSPGFLGTFHAGGTVVLAPNPSPDTAFSLIETERVTITAVVPPIALQWLDAVEHGSQSHRDLSSLRVLQVGGAKFA
PEAARRVRPVLGCTLQQVFGMAEGLVNYTRLDDPDDIITTTQGRPISPDDEIRIVDEADRPVPDGEVGHLLTRGPYTIRG
YYRAEEHNATAFTPDGFYRTGDLVRRTPTGHLVVEGRAKDQINRGGEKVSAEEVENHILAHPAVHDAAVVGMSDPYLGER
VCAYVIARTEPPSRSELLRFLRERGLASYKIPDRVEFVDRFPVTGVGKISRSELRRELARRLDTTR
;
_entity_poly.pdbx_strand_id   A,B
#
# COMPACT_ATOMS: atom_id res chain seq x y z
N GLY A 7 6.42 -41.71 -0.33
CA GLY A 7 6.19 -41.76 1.10
C GLY A 7 5.40 -40.59 1.68
N CYS A 8 4.58 -39.94 0.84
CA CYS A 8 3.77 -38.80 1.24
C CYS A 8 2.35 -39.25 1.57
N THR A 9 1.65 -38.41 2.33
CA THR A 9 0.27 -38.67 2.72
C THR A 9 -0.63 -37.65 2.05
N PRO A 10 -1.53 -38.05 1.16
CA PRO A 10 -2.33 -37.08 0.41
C PRO A 10 -3.52 -36.58 1.21
N TRP A 11 -4.00 -35.40 0.82
CA TRP A 11 -5.30 -34.96 1.28
C TRP A 11 -6.38 -35.91 0.75
N PRO A 12 -7.42 -36.19 1.53
CA PRO A 12 -8.53 -36.99 0.97
C PRO A 12 -9.15 -36.26 -0.21
N ALA A 13 -9.71 -37.05 -1.13
CA ALA A 13 -10.25 -36.49 -2.37
C ALA A 13 -11.29 -35.41 -2.11
N GLU A 14 -12.14 -35.59 -1.09
CA GLU A 14 -13.21 -34.62 -0.87
C GLU A 14 -12.64 -33.28 -0.41
N PHE A 15 -11.58 -33.31 0.39
CA PHE A 15 -10.93 -32.07 0.78
C PHE A 15 -10.26 -31.41 -0.42
N ALA A 16 -9.52 -32.18 -1.21
CA ALA A 16 -8.87 -31.62 -2.40
C ALA A 16 -9.90 -30.93 -3.30
N VAL A 17 -10.99 -31.62 -3.61
CA VAL A 17 -12.06 -31.01 -4.39
C VAL A 17 -12.51 -29.70 -3.76
N ARG A 18 -12.72 -29.72 -2.44
CA ARG A 18 -13.16 -28.51 -1.74
C ARG A 18 -12.18 -27.36 -1.94
N TYR A 19 -10.89 -27.65 -1.82
CA TYR A 19 -9.88 -26.60 -1.84
C TYR A 19 -9.69 -26.06 -3.24
N ARG A 20 -9.85 -26.90 -4.27
CA ARG A 20 -9.79 -26.36 -5.64
C ARG A 20 -11.04 -25.54 -5.95
N GLU A 21 -12.22 -26.06 -5.61
CA GLU A 21 -13.45 -25.32 -5.86
C GLU A 21 -13.45 -23.97 -5.14
N ALA A 22 -12.85 -23.90 -3.95
CA ALA A 22 -12.81 -22.65 -3.20
C ALA A 22 -11.82 -21.65 -3.78
N GLY A 23 -10.97 -22.06 -4.73
CA GLY A 23 -9.95 -21.19 -5.29
C GLY A 23 -8.63 -21.17 -4.55
N TYR A 24 -8.51 -21.95 -3.47
CA TYR A 24 -7.25 -22.04 -2.75
C TYR A 24 -6.18 -22.71 -3.60
N TRP A 25 -6.51 -23.87 -4.16
CA TRP A 25 -5.60 -24.68 -4.95
C TRP A 25 -5.83 -24.36 -6.43
N THR A 26 -4.96 -23.53 -7.00
CA THR A 26 -5.19 -22.98 -8.33
C THR A 26 -4.62 -23.83 -9.46
N GLY A 27 -3.74 -24.78 -9.16
CA GLY A 27 -3.08 -25.56 -10.19
C GLY A 27 -1.72 -25.04 -10.63
N GLU A 28 -1.31 -23.86 -10.18
CA GLU A 28 -0.01 -23.32 -10.58
C GLU A 28 1.13 -24.04 -9.86
N THR A 29 2.19 -24.34 -10.60
CA THR A 29 3.38 -24.96 -10.03
C THR A 29 4.48 -23.91 -9.85
N PHE A 30 5.52 -24.29 -9.10
CA PHE A 30 6.65 -23.38 -8.92
C PHE A 30 7.41 -23.15 -10.24
N SER A 31 7.39 -24.14 -11.15
CA SER A 31 7.92 -23.94 -12.50
C SER A 31 7.21 -22.78 -13.21
N ASP A 32 5.88 -22.86 -13.26
CA ASP A 32 5.04 -21.77 -13.75
C ASP A 32 5.37 -20.47 -13.03
N PHE A 33 5.54 -20.54 -11.71
CA PHE A 33 5.76 -19.36 -10.88
C PHE A 33 7.02 -18.63 -11.31
N VAL A 34 8.12 -19.36 -11.45
CA VAL A 34 9.38 -18.73 -11.84
C VAL A 34 9.22 -18.01 -13.17
N THR A 35 8.71 -18.73 -14.18
CA THR A 35 8.55 -18.09 -15.49
C THR A 35 7.65 -16.87 -15.41
N ASP A 36 6.48 -17.01 -14.80
CA ASP A 36 5.48 -15.95 -14.86
C ASP A 36 5.92 -14.73 -14.06
N ARG A 37 6.46 -14.92 -12.86
CA ARG A 37 6.81 -13.76 -12.06
C ARG A 37 8.03 -13.05 -12.65
N THR A 38 9.01 -13.79 -13.16
CA THR A 38 10.16 -13.09 -13.72
C THR A 38 9.83 -12.40 -15.04
N ARG A 39 8.79 -12.84 -15.75
CA ARG A 39 8.38 -12.08 -16.93
C ARG A 39 7.49 -10.90 -16.55
N ARG A 40 6.58 -11.12 -15.61
CA ARG A 40 5.61 -10.10 -15.22
C ARG A 40 6.28 -8.87 -14.63
N PHE A 41 7.39 -9.06 -13.90
CA PHE A 41 8.06 -8.02 -13.15
C PHE A 41 9.49 -7.81 -13.63
N ALA A 42 9.75 -8.22 -14.89
CA ALA A 42 11.10 -8.33 -15.44
C ALA A 42 12.00 -7.14 -15.08
N ASP A 43 11.51 -5.91 -15.29
CA ASP A 43 12.36 -4.73 -15.14
C ASP A 43 12.53 -4.27 -13.70
N ARG A 44 11.79 -4.86 -12.76
CA ARG A 44 11.85 -4.42 -11.37
C ARG A 44 13.01 -5.09 -10.65
N LEU A 45 13.42 -4.49 -9.54
CA LEU A 45 14.49 -5.02 -8.71
C LEU A 45 13.96 -6.15 -7.84
N ALA A 46 14.51 -7.35 -8.00
CA ALA A 46 14.09 -8.54 -7.27
C ALA A 46 14.93 -8.81 -6.04
N VAL A 47 16.25 -8.75 -6.16
CA VAL A 47 17.15 -9.21 -5.11
C VAL A 47 18.26 -8.21 -4.89
N VAL A 48 18.49 -7.83 -3.63
CA VAL A 48 19.61 -7.00 -3.22
C VAL A 48 20.37 -7.76 -2.15
N GLY A 49 21.65 -8.04 -2.41
CA GLY A 49 22.48 -8.66 -1.39
C GLY A 49 23.90 -8.88 -1.84
N ALA A 50 24.85 -8.82 -0.91
CA ALA A 50 26.24 -9.17 -1.20
C ALA A 50 26.77 -8.38 -2.40
N GLY A 51 26.45 -7.10 -2.44
CA GLY A 51 26.91 -6.22 -3.50
C GLY A 51 26.20 -6.39 -4.83
N GLN A 52 25.24 -7.31 -4.91
CA GLN A 52 24.48 -7.63 -6.11
C GLN A 52 23.12 -6.94 -6.08
N ARG A 53 22.63 -6.60 -7.27
CA ARG A 53 21.29 -6.03 -7.44
C ARG A 53 20.71 -6.65 -8.71
N TRP A 54 19.88 -7.68 -8.55
CA TRP A 54 19.30 -8.42 -9.67
C TRP A 54 17.87 -7.99 -9.92
N THR A 55 17.55 -7.62 -11.16
CA THR A 55 16.16 -7.51 -11.58
C THR A 55 15.52 -8.90 -11.64
N TYR A 56 14.18 -8.91 -11.73
CA TYR A 56 13.46 -10.16 -11.98
C TYR A 56 13.93 -10.82 -13.27
N ALA A 57 14.20 -10.02 -14.30
CA ALA A 57 14.71 -10.59 -15.54
C ALA A 57 16.04 -11.30 -15.31
N GLU A 58 16.94 -10.68 -14.54
CA GLU A 58 18.24 -11.30 -14.30
C GLU A 58 18.09 -12.57 -13.47
N LEU A 59 17.24 -12.56 -12.45
CA LEU A 59 16.98 -13.77 -11.70
C LEU A 59 16.44 -14.87 -12.61
N GLY A 60 15.57 -14.49 -13.55
CA GLY A 60 15.05 -15.47 -14.50
C GLY A 60 16.14 -16.09 -15.36
N GLU A 61 17.00 -15.23 -15.94
CA GLU A 61 18.07 -15.72 -16.81
C GLU A 61 19.08 -16.55 -16.04
N ARG A 62 19.47 -16.08 -14.85
CA ARG A 62 20.42 -16.82 -14.04
C ARG A 62 19.89 -18.19 -13.65
N SER A 63 18.61 -18.25 -13.25
CA SER A 63 18.07 -19.54 -12.86
C SER A 63 17.90 -20.48 -14.05
N ALA A 64 17.59 -19.95 -15.25
CA ALA A 64 17.52 -20.81 -16.42
C ALA A 64 18.89 -21.41 -16.73
N VAL A 65 19.94 -20.58 -16.66
CA VAL A 65 21.29 -21.09 -16.88
C VAL A 65 21.66 -22.15 -15.85
N LEU A 66 21.40 -21.87 -14.57
CA LEU A 66 21.75 -22.83 -13.52
C LEU A 66 20.97 -24.13 -13.66
N ALA A 67 19.69 -24.05 -14.03
CA ALA A 67 18.91 -25.27 -14.22
C ALA A 67 19.50 -26.11 -15.36
N THR A 68 19.91 -25.47 -16.46
CA THR A 68 20.61 -26.19 -17.51
C THR A 68 21.87 -26.86 -16.98
N GLY A 69 22.62 -26.17 -16.11
CA GLY A 69 23.83 -26.76 -15.57
C GLY A 69 23.59 -27.92 -14.63
N LEU A 70 22.51 -27.84 -13.83
CA LEU A 70 22.16 -28.95 -12.93
C LEU A 70 21.66 -30.15 -13.71
N ALA A 71 20.90 -29.91 -14.79
CA ALA A 71 20.51 -31.01 -15.66
C ALA A 71 21.73 -31.68 -16.26
N ARG A 72 22.70 -30.89 -16.72
CA ARG A 72 23.93 -31.50 -17.22
C ARG A 72 24.63 -32.27 -16.12
N LEU A 73 24.58 -31.78 -14.88
CA LEU A 73 25.21 -32.47 -13.78
C LEU A 73 24.58 -33.83 -13.51
N GLY A 74 23.30 -33.98 -13.83
CA GLY A 74 22.59 -35.24 -13.59
C GLY A 74 21.31 -35.11 -12.79
N ILE A 75 20.96 -33.90 -12.38
CA ILE A 75 19.75 -33.66 -11.60
C ILE A 75 18.55 -33.72 -12.54
N ALA A 76 17.59 -34.59 -12.23
CA ALA A 76 16.39 -34.78 -13.04
C ALA A 76 15.14 -34.47 -12.23
N ALA A 77 14.01 -34.36 -12.94
CA ALA A 77 12.74 -34.11 -12.27
C ALA A 77 12.48 -35.17 -11.21
N GLY A 78 12.10 -34.71 -10.02
CA GLY A 78 11.83 -35.60 -8.90
C GLY A 78 13.00 -35.86 -7.99
N ASP A 79 14.23 -35.56 -8.42
CA ASP A 79 15.38 -35.72 -7.54
C ASP A 79 15.33 -34.72 -6.40
N ARG A 80 15.80 -35.16 -5.23
CA ARG A 80 15.93 -34.30 -4.06
C ARG A 80 17.32 -33.70 -4.00
N VAL A 81 17.40 -32.41 -3.67
CA VAL A 81 18.67 -31.69 -3.57
C VAL A 81 18.67 -30.91 -2.26
N VAL A 82 19.58 -31.24 -1.36
CA VAL A 82 19.67 -30.52 -0.08
C VAL A 82 20.33 -29.17 -0.31
N VAL A 83 19.64 -28.10 0.11
CA VAL A 83 20.10 -26.72 -0.08
C VAL A 83 20.33 -26.11 1.29
N GLN A 84 21.60 -25.87 1.64
CA GLN A 84 21.98 -25.28 2.93
C GLN A 84 22.84 -24.05 2.65
N LEU A 85 22.19 -22.93 2.32
CA LEU A 85 22.90 -21.70 1.95
C LEU A 85 22.54 -20.57 2.90
N PRO A 86 23.50 -19.68 3.20
CA PRO A 86 23.19 -18.50 4.01
C PRO A 86 22.39 -17.46 3.23
N ASN A 87 22.18 -16.28 3.80
CA ASN A 87 21.38 -15.23 3.13
C ASN A 87 22.23 -14.53 2.07
N ILE A 88 22.41 -15.22 0.94
CA ILE A 88 23.16 -14.69 -0.21
C ILE A 88 22.29 -14.82 -1.46
N PRO A 89 22.49 -13.97 -2.48
CA PRO A 89 21.60 -14.01 -3.64
C PRO A 89 21.61 -15.34 -4.39
N GLU A 90 22.73 -16.09 -4.32
CA GLU A 90 22.80 -17.39 -4.97
C GLU A 90 21.67 -18.32 -4.51
N LEU A 91 21.27 -18.22 -3.23
CA LEU A 91 20.13 -18.98 -2.75
C LEU A 91 18.97 -18.93 -3.73
N PHE A 92 18.54 -17.72 -4.09
CA PHE A 92 17.35 -17.60 -4.93
C PHE A 92 17.60 -18.22 -6.30
N GLU A 93 18.76 -17.95 -6.90
CA GLU A 93 18.96 -18.49 -8.23
C GLU A 93 19.03 -20.00 -8.17
N VAL A 94 19.54 -20.55 -7.05
CA VAL A 94 19.58 -22.01 -6.93
C VAL A 94 18.17 -22.56 -6.79
N VAL A 95 17.36 -21.92 -5.95
CA VAL A 95 16.05 -22.49 -5.67
C VAL A 95 15.18 -22.42 -6.91
N PHE A 96 15.12 -21.24 -7.54
CA PHE A 96 14.41 -21.11 -8.81
C PHE A 96 14.88 -22.15 -9.83
N ALA A 97 16.20 -22.41 -9.90
CA ALA A 97 16.69 -23.36 -10.90
C ALA A 97 16.14 -24.75 -10.61
N LEU A 98 16.14 -25.15 -9.33
CA LEU A 98 15.60 -26.45 -8.98
C LEU A 98 14.11 -26.50 -9.31
N PHE A 99 13.41 -25.38 -9.17
CA PHE A 99 11.99 -25.39 -9.52
C PHE A 99 11.81 -25.53 -11.02
N ARG A 100 12.73 -24.96 -11.82
CA ARG A 100 12.58 -25.05 -13.26
C ARG A 100 12.69 -26.49 -13.74
N LEU A 101 13.53 -27.29 -13.06
CA LEU A 101 13.76 -28.68 -13.44
C LEU A 101 12.69 -29.63 -12.92
N GLY A 102 11.78 -29.16 -12.06
CA GLY A 102 10.93 -30.08 -11.35
C GLY A 102 11.63 -30.90 -10.29
N ALA A 103 12.81 -30.48 -9.84
CA ALA A 103 13.51 -31.09 -8.72
C ALA A 103 13.01 -30.53 -7.39
N LEU A 104 13.26 -31.28 -6.31
CA LEU A 104 12.76 -30.91 -4.99
C LEU A 104 13.86 -30.38 -4.10
N PRO A 105 13.88 -29.07 -3.79
CA PRO A 105 14.75 -28.60 -2.71
C PRO A 105 14.41 -29.32 -1.41
N VAL A 106 15.45 -29.58 -0.61
CA VAL A 106 15.32 -30.07 0.76
C VAL A 106 16.06 -29.06 1.62
N TYR A 107 15.31 -28.24 2.36
CA TYR A 107 15.89 -27.04 2.97
C TYR A 107 16.53 -27.34 4.31
N ALA A 108 17.83 -27.05 4.41
CA ALA A 108 18.54 -27.05 5.68
C ALA A 108 18.97 -25.63 6.00
N LEU A 109 19.04 -25.31 7.32
CA LEU A 109 19.42 -23.99 7.82
C LEU A 109 20.93 -23.91 8.00
N PRO A 110 21.51 -22.71 7.92
CA PRO A 110 22.96 -22.58 8.10
C PRO A 110 23.49 -23.14 9.41
N ALA A 111 22.71 -23.11 10.50
CA ALA A 111 23.16 -23.61 11.80
C ALA A 111 23.13 -25.12 11.91
N HIS A 112 22.53 -25.81 10.94
CA HIS A 112 22.51 -27.27 10.98
C HIS A 112 23.90 -27.83 10.72
N ARG A 113 24.16 -29.00 11.30
CA ARG A 113 25.50 -29.58 11.22
C ARG A 113 25.46 -31.02 10.70
N ALA A 114 26.57 -31.73 10.82
CA ALA A 114 26.69 -33.05 10.18
C ALA A 114 25.55 -33.98 10.55
N HIS A 115 25.06 -33.89 11.79
CA HIS A 115 24.00 -34.81 12.24
C HIS A 115 22.73 -34.61 11.43
N GLU A 116 22.24 -33.35 11.38
CA GLU A 116 21.01 -33.04 10.66
C GLU A 116 21.18 -33.19 9.16
N ILE A 117 22.34 -32.82 8.63
CA ILE A 117 22.55 -32.90 7.19
C ILE A 117 22.64 -34.35 6.75
N THR A 118 23.34 -35.18 7.52
CA THR A 118 23.34 -36.62 7.22
C THR A 118 21.92 -37.15 7.23
N HIS A 119 21.13 -36.76 8.24
CA HIS A 119 19.74 -37.22 8.30
C HIS A 119 18.96 -36.82 7.05
N LEU A 120 19.10 -35.56 6.61
CA LEU A 120 18.35 -35.08 5.45
C LEU A 120 18.79 -35.80 4.18
N CYS A 121 20.11 -35.90 3.95
CA CYS A 121 20.60 -36.55 2.75
C CYS A 121 20.15 -38.01 2.69
N THR A 122 20.32 -38.74 3.78
CA THR A 122 20.01 -40.17 3.74
C THR A 122 18.50 -40.39 3.64
N THR A 123 17.70 -39.63 4.41
CA THR A 123 16.25 -39.84 4.39
C THR A 123 15.65 -39.46 3.05
N ALA A 124 16.04 -38.31 2.50
CA ALA A 124 15.53 -37.83 1.22
C ALA A 124 16.22 -38.49 0.03
N GLN A 125 17.24 -39.32 0.27
CA GLN A 125 18.03 -39.92 -0.81
C GLN A 125 18.47 -38.85 -1.81
N ALA A 126 19.08 -37.80 -1.28
CA ALA A 126 19.42 -36.62 -2.06
C ALA A 126 20.53 -36.93 -3.07
N LYS A 127 20.35 -36.42 -4.30
CA LYS A 127 21.36 -36.56 -5.33
C LYS A 127 22.46 -35.52 -5.24
N ALA A 128 22.17 -34.34 -4.69
CA ALA A 128 23.15 -33.27 -4.56
C ALA A 128 22.97 -32.54 -3.25
N LEU A 129 24.05 -31.90 -2.82
CA LEU A 129 24.10 -31.01 -1.67
C LEU A 129 24.71 -29.70 -2.12
N ILE A 130 24.04 -28.58 -1.87
CA ILE A 130 24.54 -27.26 -2.24
C ILE A 130 24.83 -26.47 -0.96
N ILE A 131 26.06 -25.99 -0.83
CA ILE A 131 26.57 -25.35 0.38
C ILE A 131 27.44 -24.16 0.01
N PRO A 132 27.70 -23.27 0.98
CA PRO A 132 28.78 -22.29 0.81
C PRO A 132 30.10 -22.92 1.21
N ASP A 133 31.20 -22.19 0.98
CA ASP A 133 32.49 -22.70 1.43
C ASP A 133 32.60 -22.59 2.95
N ARG A 134 32.45 -21.38 3.47
CA ARG A 134 32.46 -21.11 4.91
C ARG A 134 31.41 -20.05 5.21
N HIS A 135 30.82 -20.14 6.41
CA HIS A 135 29.87 -19.13 6.86
C HIS A 135 29.88 -19.12 8.38
N ALA A 136 30.13 -17.95 8.97
CA ALA A 136 30.15 -17.82 10.42
C ALA A 136 31.14 -18.80 11.07
N GLY A 137 32.33 -18.92 10.47
CA GLY A 137 33.39 -19.73 11.05
C GLY A 137 33.33 -21.21 10.76
N PHE A 138 32.24 -21.71 10.20
CA PHE A 138 32.06 -23.13 9.95
C PHE A 138 32.42 -23.46 8.50
N ASP A 139 33.18 -24.53 8.30
CA ASP A 139 33.59 -24.97 6.96
C ASP A 139 32.67 -26.10 6.52
N TYR A 140 31.74 -25.78 5.61
CA TYR A 140 30.80 -26.76 5.09
C TYR A 140 31.46 -27.75 4.15
N ARG A 141 32.59 -27.38 3.54
CA ARG A 141 33.33 -28.34 2.73
C ARG A 141 33.87 -29.47 3.59
N THR A 142 34.36 -29.15 4.79
CA THR A 142 34.85 -30.19 5.70
C THR A 142 33.71 -31.10 6.15
N MET A 143 32.54 -30.50 6.39
CA MET A 143 31.36 -31.31 6.72
C MET A 143 31.03 -32.28 5.59
N ALA A 144 30.94 -31.76 4.36
CA ALA A 144 30.66 -32.61 3.20
C ALA A 144 31.71 -33.72 3.05
N ALA A 145 32.98 -33.39 3.30
CA ALA A 145 34.02 -34.42 3.26
C ALA A 145 33.84 -35.44 4.36
N GLN A 146 33.30 -35.03 5.52
CA GLN A 146 33.01 -35.99 6.57
C GLN A 146 31.93 -36.97 6.14
N LEU A 147 30.86 -36.46 5.53
CA LEU A 147 29.82 -37.35 5.00
C LEU A 147 30.38 -38.27 3.92
N ARG A 148 31.17 -37.73 2.99
CA ARG A 148 31.81 -38.58 1.99
C ARG A 148 32.64 -39.67 2.66
N HIS A 149 33.42 -39.31 3.68
CA HIS A 149 34.26 -40.29 4.34
C HIS A 149 33.42 -41.39 4.96
N ALA A 150 32.25 -41.02 5.50
CA ALA A 150 31.34 -41.96 6.14
C ALA A 150 30.43 -42.69 5.16
N GLY A 151 30.40 -42.28 3.90
CA GLY A 151 29.57 -42.93 2.90
C GLY A 151 28.15 -42.45 2.86
N THR A 152 27.88 -41.25 3.40
CA THR A 152 26.52 -40.74 3.51
C THR A 152 26.30 -39.47 2.69
N ALA A 153 27.29 -39.06 1.87
CA ALA A 153 27.13 -37.81 1.16
C ALA A 153 26.44 -38.02 -0.19
N PRO A 154 25.70 -37.03 -0.67
CA PRO A 154 25.21 -37.09 -2.04
C PRO A 154 26.37 -37.19 -3.02
N GLU A 155 26.10 -37.78 -4.18
CA GLU A 155 27.15 -37.95 -5.17
C GLU A 155 27.58 -36.63 -5.80
N HIS A 156 26.77 -35.58 -5.68
CA HIS A 156 27.15 -34.25 -6.17
C HIS A 156 27.12 -33.26 -5.01
N VAL A 157 28.24 -32.57 -4.79
CA VAL A 157 28.34 -31.50 -3.80
C VAL A 157 28.77 -30.23 -4.53
N VAL A 158 27.94 -29.19 -4.45
CA VAL A 158 28.17 -27.95 -5.17
C VAL A 158 28.45 -26.85 -4.15
N VAL A 159 29.56 -26.13 -4.34
CA VAL A 159 30.05 -25.15 -3.39
C VAL A 159 29.95 -23.75 -3.97
N VAL A 160 29.33 -22.85 -3.22
CA VAL A 160 29.33 -21.42 -3.51
C VAL A 160 30.55 -20.82 -2.83
N GLY A 161 31.45 -20.25 -3.61
CA GLY A 161 32.69 -19.74 -3.05
C GLY A 161 33.90 -20.50 -3.55
N GLU A 162 34.82 -20.84 -2.66
CA GLU A 162 35.99 -21.63 -3.03
C GLU A 162 35.66 -23.10 -2.87
N PRO A 163 35.75 -23.91 -3.93
CA PRO A 163 35.09 -25.22 -3.91
C PRO A 163 35.88 -26.33 -3.23
N GLY A 164 37.14 -26.12 -2.88
CA GLY A 164 37.93 -27.27 -2.49
C GLY A 164 37.99 -28.23 -3.66
N GLY A 165 37.71 -29.50 -3.39
CA GLY A 165 37.65 -30.52 -4.41
C GLY A 165 36.26 -30.85 -4.90
N PHE A 166 35.27 -30.06 -4.54
CA PHE A 166 33.89 -30.31 -4.92
C PHE A 166 33.57 -29.51 -6.19
N THR A 167 32.30 -29.52 -6.59
CA THR A 167 31.89 -28.83 -7.81
C THR A 167 31.68 -27.35 -7.51
N PRO A 168 32.42 -26.44 -8.14
CA PRO A 168 32.10 -25.02 -7.98
C PRO A 168 30.77 -24.69 -8.64
N LEU A 169 30.01 -23.80 -8.01
CA LEU A 169 28.77 -23.34 -8.62
C LEU A 169 29.00 -22.81 -10.03
N ALA A 170 30.13 -22.15 -10.28
CA ALA A 170 30.35 -21.57 -11.61
C ALA A 170 30.30 -22.63 -12.71
N GLU A 171 30.67 -23.88 -12.41
CA GLU A 171 30.62 -24.92 -13.42
C GLU A 171 29.20 -25.15 -13.93
N LEU A 172 28.19 -24.84 -13.10
CA LEU A 172 26.81 -25.02 -13.53
C LEU A 172 26.29 -23.86 -14.37
N ARG A 173 27.10 -22.82 -14.59
CA ARG A 173 26.72 -21.71 -15.45
C ARG A 173 27.38 -21.76 -16.83
N ALA A 174 28.07 -22.86 -17.15
CA ALA A 174 28.90 -22.93 -18.34
C ALA A 174 28.10 -22.98 -19.64
N ASP A 175 26.84 -23.39 -19.59
CA ASP A 175 26.04 -23.64 -20.78
C ASP A 175 24.89 -22.64 -20.88
N ARG A 176 24.52 -22.30 -22.11
CA ARG A 176 23.39 -21.41 -22.33
C ARG A 176 22.08 -22.10 -21.97
N PRO A 177 21.02 -21.32 -21.74
CA PRO A 177 19.74 -21.91 -21.31
C PRO A 177 19.21 -22.90 -22.34
N ASP A 178 18.70 -24.03 -21.86
CA ASP A 178 18.03 -25.02 -22.69
C ASP A 178 16.70 -25.40 -22.05
N PRO A 179 15.62 -24.66 -22.37
CA PRO A 179 14.30 -25.01 -21.81
C PRO A 179 13.87 -26.44 -22.10
N GLY A 180 14.54 -27.14 -23.01
CA GLY A 180 14.21 -28.53 -23.25
C GLY A 180 14.42 -29.42 -22.05
N VAL A 181 15.33 -29.04 -21.15
CA VAL A 181 15.61 -29.86 -19.97
C VAL A 181 14.71 -29.52 -18.79
N PHE A 182 13.87 -28.50 -18.92
CA PHE A 182 12.98 -28.14 -17.85
C PHE A 182 11.79 -29.10 -17.82
N THR A 183 11.16 -29.20 -16.65
CA THR A 183 9.99 -30.05 -16.48
C THR A 183 8.96 -29.34 -15.61
N ARG A 184 7.70 -29.41 -16.04
CA ARG A 184 6.59 -28.88 -15.25
C ARG A 184 5.94 -30.02 -14.49
N PRO A 185 6.04 -30.06 -13.17
CA PRO A 185 5.42 -31.15 -12.41
C PRO A 185 3.91 -30.92 -12.29
N GLU A 186 3.26 -31.82 -11.55
CA GLU A 186 1.86 -31.66 -11.19
C GLU A 186 1.76 -30.86 -9.89
N ALA A 187 0.81 -29.94 -9.83
CA ALA A 187 0.70 -29.05 -8.67
C ALA A 187 0.37 -29.81 -7.39
N SER A 188 -0.18 -31.02 -7.48
CA SER A 188 -0.45 -31.82 -6.29
C SER A 188 0.77 -32.59 -5.81
N ASP A 189 1.86 -32.62 -6.58
CA ASP A 189 3.10 -33.25 -6.16
C ASP A 189 3.79 -32.42 -5.08
N ALA A 190 4.61 -33.08 -4.27
CA ALA A 190 5.50 -32.35 -3.39
C ALA A 190 6.45 -31.49 -4.23
N ALA A 191 6.56 -30.22 -3.86
CA ALA A 191 7.46 -29.26 -4.48
C ALA A 191 8.81 -29.19 -3.78
N PHE A 192 8.86 -29.48 -2.49
CA PHE A 192 10.08 -29.44 -1.71
C PHE A 192 9.81 -30.14 -0.38
N LEU A 193 10.89 -30.42 0.36
CA LEU A 193 10.80 -30.92 1.72
C LEU A 193 11.48 -29.94 2.65
N GLN A 194 10.95 -29.80 3.87
CA GLN A 194 11.62 -29.00 4.89
C GLN A 194 11.60 -29.75 6.21
N LEU A 195 12.33 -29.22 7.18
CA LEU A 195 12.51 -29.87 8.46
C LEU A 195 11.49 -29.34 9.47
N SER A 196 10.93 -30.24 10.26
CA SER A 196 10.11 -29.86 11.40
C SER A 196 10.99 -29.39 12.54
N GLY A 197 10.38 -28.66 13.47
CA GLY A 197 11.11 -28.24 14.65
C GLY A 197 11.76 -29.42 15.38
N GLY A 198 11.05 -30.54 15.48
CA GLY A 198 11.61 -31.69 16.16
C GLY A 198 11.17 -31.83 17.61
N THR A 199 10.77 -33.05 17.98
CA THR A 199 10.35 -33.34 19.34
C THR A 199 10.94 -34.64 19.88
N THR A 200 11.15 -35.66 19.04
CA THR A 200 11.76 -36.90 19.47
C THR A 200 13.23 -36.95 19.07
N GLY A 201 13.75 -38.14 18.77
CA GLY A 201 15.18 -38.29 18.54
C GLY A 201 15.70 -37.64 17.27
N LEU A 202 14.84 -37.41 16.28
CA LEU A 202 15.27 -36.89 15.00
C LEU A 202 14.15 -36.04 14.40
N PRO A 203 14.48 -34.97 13.68
CA PRO A 203 13.43 -34.18 13.03
C PRO A 203 12.81 -34.95 11.87
N LYS A 204 11.52 -34.74 11.68
CA LYS A 204 10.79 -35.32 10.57
C LYS A 204 10.83 -34.36 9.37
N LEU A 205 10.84 -34.95 8.17
CA LEU A 205 10.75 -34.17 6.95
C LEU A 205 9.30 -33.90 6.59
N ILE A 206 9.04 -32.68 6.15
CA ILE A 206 7.70 -32.20 5.81
C ILE A 206 7.64 -32.03 4.30
N PRO A 207 6.77 -32.75 3.59
CA PRO A 207 6.55 -32.47 2.18
C PRO A 207 5.48 -31.40 2.00
N ARG A 208 5.75 -30.39 1.19
CA ARG A 208 4.78 -29.36 0.89
C ARG A 208 4.54 -29.36 -0.62
N THR A 209 3.28 -29.26 -1.04
CA THR A 209 2.93 -29.33 -2.46
C THR A 209 2.84 -27.93 -3.07
N HIS A 210 2.90 -27.87 -4.40
CA HIS A 210 2.81 -26.59 -5.10
C HIS A 210 1.53 -25.86 -4.72
N ASP A 211 0.40 -26.57 -4.79
CA ASP A 211 -0.90 -25.94 -4.57
C ASP A 211 -1.05 -25.42 -3.15
N ASP A 212 -0.70 -26.23 -2.15
CA ASP A 212 -0.94 -25.80 -0.77
C ASP A 212 0.05 -24.70 -0.35
N TYR A 213 1.33 -24.87 -0.67
CA TYR A 213 2.30 -23.84 -0.30
C TYR A 213 2.04 -22.53 -1.03
N LEU A 214 1.81 -22.60 -2.35
CA LEU A 214 1.53 -21.36 -3.07
C LEU A 214 0.25 -20.71 -2.57
N TYR A 215 -0.75 -21.50 -2.15
CA TYR A 215 -1.92 -20.90 -1.50
C TYR A 215 -1.50 -20.08 -0.28
N SER A 216 -0.74 -20.68 0.64
CA SER A 216 -0.36 -19.94 1.83
C SER A 216 0.47 -18.70 1.48
N VAL A 217 1.26 -18.77 0.40
CA VAL A 217 2.04 -17.60 -0.02
C VAL A 217 1.12 -16.50 -0.55
N ARG A 218 0.22 -16.83 -1.47
CA ARG A 218 -0.65 -15.80 -2.04
C ARG A 218 -1.48 -15.15 -0.94
N ALA A 219 -2.10 -15.98 -0.10
CA ALA A 219 -2.97 -15.45 0.95
C ALA A 219 -2.20 -14.59 1.93
N SER A 220 -0.99 -15.02 2.30
CA SER A 220 -0.16 -14.23 3.20
C SER A 220 0.23 -12.89 2.57
N ALA A 221 0.58 -12.90 1.28
CA ALA A 221 0.90 -11.67 0.59
C ALA A 221 -0.25 -10.69 0.65
N GLU A 222 -1.49 -11.21 0.59
CA GLU A 222 -2.65 -10.33 0.68
C GLU A 222 -2.87 -9.83 2.11
N ILE A 223 -2.72 -10.73 3.10
CA ILE A 223 -2.87 -10.34 4.51
C ILE A 223 -1.87 -9.25 4.88
N CYS A 224 -0.67 -9.32 4.32
CA CYS A 224 0.42 -8.42 4.68
C CYS A 224 0.57 -7.25 3.72
N ALA A 225 -0.39 -7.07 2.81
CA ALA A 225 -0.50 -5.88 1.97
C ALA A 225 0.72 -5.71 1.05
N LEU A 226 1.27 -6.81 0.55
CA LEU A 226 2.43 -6.75 -0.32
C LEU A 226 2.06 -6.25 -1.72
N GLY A 227 3.03 -5.60 -2.37
CA GLY A 227 2.88 -5.15 -3.75
C GLY A 227 4.24 -4.93 -4.37
N THR A 228 4.24 -4.28 -5.53
CA THR A 228 5.53 -3.99 -6.18
C THR A 228 6.35 -2.99 -5.37
N ASP A 229 5.72 -2.24 -4.46
CA ASP A 229 6.42 -1.31 -3.59
C ASP A 229 6.98 -1.97 -2.34
N THR A 230 6.75 -3.28 -2.17
CA THR A 230 7.29 -3.98 -1.01
C THR A 230 8.80 -4.08 -1.10
N VAL A 231 9.46 -3.82 0.02
CA VAL A 231 10.88 -4.09 0.19
C VAL A 231 11.00 -4.96 1.44
N TYR A 232 11.21 -6.26 1.24
CA TYR A 232 11.24 -7.23 2.33
C TYR A 232 12.67 -7.49 2.75
N LEU A 233 12.96 -7.27 4.04
CA LEU A 233 14.28 -7.57 4.60
C LEU A 233 14.26 -8.97 5.19
N ALA A 234 15.04 -9.87 4.59
CA ALA A 234 15.21 -11.21 5.13
C ALA A 234 16.26 -11.14 6.24
N ALA A 235 15.77 -10.94 7.48
CA ALA A 235 16.63 -10.87 8.64
C ALA A 235 16.89 -12.25 9.25
N LEU A 236 15.97 -13.20 9.07
CA LEU A 236 16.08 -14.58 9.50
C LEU A 236 16.63 -15.43 8.37
N PRO A 237 17.16 -16.64 8.68
CA PRO A 237 17.60 -17.53 7.59
C PRO A 237 16.48 -17.76 6.59
N ALA A 238 16.73 -17.43 5.32
CA ALA A 238 15.65 -17.16 4.38
C ALA A 238 14.82 -18.39 4.06
N VAL A 239 15.40 -19.59 4.20
CA VAL A 239 14.69 -20.82 3.86
C VAL A 239 13.82 -21.35 5.00
N HIS A 240 13.86 -20.73 6.17
CA HIS A 240 12.91 -21.13 7.19
C HIS A 240 11.49 -20.73 6.76
N ASN A 241 10.51 -21.54 7.18
CA ASN A 241 9.12 -21.33 6.74
C ASN A 241 8.67 -19.89 6.91
N PHE A 242 9.04 -19.27 8.04
CA PHE A 242 8.58 -17.92 8.36
C PHE A 242 9.10 -16.88 7.36
N PRO A 243 10.41 -16.74 7.15
CA PRO A 243 10.91 -15.78 6.17
C PRO A 243 10.81 -16.25 4.73
N MET A 244 10.37 -17.48 4.49
CA MET A 244 10.17 -17.97 3.12
C MET A 244 8.74 -17.75 2.64
N SER A 245 7.72 -17.90 3.51
CA SER A 245 6.34 -17.89 3.03
C SER A 245 5.34 -17.09 3.85
N SER A 246 5.73 -16.44 4.95
CA SER A 246 4.76 -15.85 5.88
C SER A 246 4.95 -14.35 6.08
N PRO A 247 4.92 -13.54 5.00
CA PRO A 247 4.79 -13.92 3.58
C PRO A 247 6.16 -14.21 2.95
N GLY A 248 7.21 -13.76 3.60
CA GLY A 248 8.58 -14.11 3.22
C GLY A 248 8.98 -13.65 1.83
N PHE A 249 10.07 -14.28 1.35
CA PHE A 249 10.59 -13.90 0.04
C PHE A 249 9.72 -14.43 -1.09
N LEU A 250 9.07 -15.59 -0.91
CA LEU A 250 8.13 -16.08 -1.91
C LEU A 250 6.93 -15.14 -2.05
N GLY A 251 6.39 -14.65 -0.93
CA GLY A 251 5.30 -13.69 -1.04
C GLY A 251 5.74 -12.40 -1.71
N THR A 252 6.96 -11.95 -1.40
CA THR A 252 7.49 -10.74 -2.04
C THR A 252 7.63 -10.92 -3.54
N PHE A 253 8.23 -12.05 -3.96
CA PHE A 253 8.36 -12.35 -5.39
C PHE A 253 7.00 -12.47 -6.06
N HIS A 254 6.05 -13.15 -5.41
CA HIS A 254 4.69 -13.23 -5.94
C HIS A 254 4.13 -11.85 -6.21
N ALA A 255 4.38 -10.89 -5.32
CA ALA A 255 3.79 -9.58 -5.47
C ALA A 255 4.64 -8.61 -6.29
N GLY A 256 5.87 -8.98 -6.63
CA GLY A 256 6.70 -8.13 -7.46
C GLY A 256 7.58 -7.15 -6.72
N GLY A 257 7.80 -7.38 -5.42
CA GLY A 257 8.60 -6.48 -4.61
C GLY A 257 10.07 -6.86 -4.62
N THR A 258 10.83 -6.17 -3.76
CA THR A 258 12.26 -6.38 -3.64
C THR A 258 12.59 -7.16 -2.38
N VAL A 259 13.47 -8.14 -2.51
CA VAL A 259 13.96 -8.91 -1.37
C VAL A 259 15.36 -8.45 -1.04
N VAL A 260 15.56 -7.94 0.16
CA VAL A 260 16.88 -7.50 0.64
C VAL A 260 17.37 -8.53 1.63
N LEU A 261 18.57 -9.06 1.40
CA LEU A 261 19.18 -10.09 2.24
C LEU A 261 20.04 -9.45 3.33
N ALA A 262 19.71 -9.73 4.59
CA ALA A 262 20.60 -9.31 5.67
C ALA A 262 21.57 -10.45 5.99
N PRO A 263 22.88 -10.18 6.02
CA PRO A 263 23.84 -11.23 6.36
C PRO A 263 23.77 -11.67 7.81
N ASN A 264 23.36 -10.79 8.71
CA ASN A 264 23.11 -11.11 10.11
C ASN A 264 22.01 -10.19 10.61
N PRO A 265 21.37 -10.53 11.73
CA PRO A 265 20.25 -9.70 12.21
C PRO A 265 20.63 -8.67 13.26
N SER A 266 21.92 -8.35 13.37
CA SER A 266 22.35 -7.38 14.38
C SER A 266 21.71 -6.03 14.11
N PRO A 267 21.43 -5.24 15.16
CA PRO A 267 20.79 -3.94 14.93
C PRO A 267 21.56 -3.06 13.97
N ASP A 268 22.89 -3.09 14.03
CA ASP A 268 23.67 -2.22 13.16
C ASP A 268 23.51 -2.63 11.70
N THR A 269 23.70 -3.91 11.39
CA THR A 269 23.57 -4.40 10.02
C THR A 269 22.15 -4.21 9.49
N ALA A 270 21.15 -4.64 10.28
CA ALA A 270 19.77 -4.57 9.83
C ALA A 270 19.30 -3.13 9.67
N PHE A 271 19.61 -2.27 10.66
CA PHE A 271 19.18 -0.87 10.57
C PHE A 271 19.86 -0.18 9.39
N SER A 272 21.12 -0.50 9.13
CA SER A 272 21.81 0.06 7.98
C SER A 272 21.10 -0.31 6.68
N LEU A 273 20.68 -1.58 6.55
CA LEU A 273 19.95 -1.98 5.34
C LEU A 273 18.57 -1.33 5.27
N ILE A 274 17.89 -1.21 6.40
CA ILE A 274 16.57 -0.56 6.40
C ILE A 274 16.70 0.89 5.94
N GLU A 275 17.73 1.58 6.43
CA GLU A 275 18.02 2.96 6.03
C GLU A 275 18.32 3.06 4.54
N THR A 276 19.22 2.21 4.04
CA THR A 276 19.71 2.33 2.67
C THR A 276 18.67 1.90 1.65
N GLU A 277 18.10 0.70 1.83
CA GLU A 277 17.18 0.11 0.86
C GLU A 277 15.72 0.48 1.10
N ARG A 278 15.43 1.23 2.17
CA ARG A 278 14.06 1.67 2.47
C ARG A 278 13.11 0.48 2.62
N VAL A 279 13.51 -0.47 3.47
CA VAL A 279 12.72 -1.65 3.76
C VAL A 279 11.36 -1.28 4.31
N THR A 280 10.31 -1.96 3.83
CA THR A 280 8.95 -1.70 4.28
C THR A 280 8.41 -2.76 5.24
N ILE A 281 8.99 -3.96 5.26
CA ILE A 281 8.51 -5.03 6.12
C ILE A 281 9.65 -5.98 6.38
N THR A 282 9.71 -6.53 7.59
CA THR A 282 10.69 -7.58 7.90
C THR A 282 10.10 -8.49 8.95
N ALA A 283 10.75 -9.64 9.14
CA ALA A 283 10.32 -10.67 10.08
C ALA A 283 11.46 -11.06 10.99
N VAL A 284 11.20 -11.12 12.31
CA VAL A 284 12.22 -11.45 13.29
C VAL A 284 11.62 -12.34 14.38
N VAL A 285 12.49 -12.96 15.16
CA VAL A 285 12.11 -13.71 16.36
C VAL A 285 12.18 -12.75 17.55
N PRO A 286 11.55 -13.09 18.67
CA PRO A 286 11.44 -12.10 19.76
C PRO A 286 12.78 -11.61 20.28
N PRO A 287 13.80 -12.47 20.45
CA PRO A 287 15.11 -11.96 20.93
C PRO A 287 15.70 -10.89 20.03
N ILE A 288 15.55 -11.03 18.72
CA ILE A 288 16.04 -10.01 17.79
C ILE A 288 15.20 -8.74 17.92
N ALA A 289 13.88 -8.89 18.03
CA ALA A 289 13.01 -7.75 18.25
C ALA A 289 13.45 -6.97 19.49
N LEU A 290 13.73 -7.68 20.58
CA LEU A 290 14.14 -7.01 21.81
C LEU A 290 15.48 -6.31 21.63
N GLN A 291 16.42 -6.94 20.91
CA GLN A 291 17.69 -6.26 20.64
C GLN A 291 17.48 -4.96 19.87
N TRP A 292 16.64 -5.00 18.83
CA TRP A 292 16.38 -3.80 18.03
C TRP A 292 15.71 -2.71 18.89
N LEU A 293 14.73 -3.10 19.69
CA LEU A 293 14.03 -2.15 20.54
C LEU A 293 14.98 -1.49 21.52
N ASP A 294 15.81 -2.29 22.18
CA ASP A 294 16.76 -1.74 23.15
C ASP A 294 17.78 -0.84 22.46
N ALA A 295 18.23 -1.24 21.28
CA ALA A 295 19.24 -0.46 20.56
C ALA A 295 18.71 0.92 20.22
N VAL A 296 17.45 1.02 19.81
CA VAL A 296 16.88 2.34 19.49
C VAL A 296 16.52 3.10 20.76
N GLU A 297 15.78 2.45 21.68
CA GLU A 297 15.24 3.17 22.83
C GLU A 297 16.34 3.66 23.77
N HIS A 298 17.35 2.84 24.02
CA HIS A 298 18.38 3.19 24.99
C HIS A 298 19.64 3.74 24.33
N GLY A 299 19.48 4.35 23.15
CA GLY A 299 20.45 5.30 22.62
C GLY A 299 21.39 4.84 21.52
N SER A 300 21.82 3.59 21.55
CA SER A 300 22.91 3.17 20.68
C SER A 300 22.60 3.45 19.21
N GLN A 301 21.35 3.26 18.80
CA GLN A 301 20.95 3.39 17.39
C GLN A 301 19.79 4.38 17.23
N SER A 302 19.68 5.34 18.15
CA SER A 302 18.56 6.28 18.13
C SER A 302 18.51 7.12 16.86
N HIS A 303 19.65 7.30 16.20
CA HIS A 303 19.74 8.18 15.04
C HIS A 303 19.19 7.57 13.78
N ARG A 304 19.16 6.23 13.68
CA ARG A 304 18.77 5.56 12.45
C ARG A 304 17.42 6.03 11.95
N ASP A 305 17.31 6.17 10.63
CA ASP A 305 16.05 6.48 9.96
C ASP A 305 15.35 5.18 9.60
N LEU A 306 14.36 4.80 10.40
CA LEU A 306 13.58 3.60 10.14
C LEU A 306 12.18 3.94 9.63
N SER A 307 12.01 5.14 9.06
CA SER A 307 10.67 5.62 8.72
C SER A 307 10.03 4.81 7.59
N SER A 308 10.82 4.17 6.73
CA SER A 308 10.22 3.40 5.65
C SER A 308 9.56 2.13 6.17
N LEU A 309 9.97 1.65 7.35
CA LEU A 309 9.45 0.39 7.88
C LEU A 309 7.99 0.54 8.25
N ARG A 310 7.13 -0.27 7.61
CA ARG A 310 5.69 -0.24 7.86
C ARG A 310 5.24 -1.33 8.81
N VAL A 311 5.80 -2.54 8.67
CA VAL A 311 5.38 -3.71 9.42
C VAL A 311 6.61 -4.41 9.95
N LEU A 312 6.60 -4.70 11.25
CA LEU A 312 7.60 -5.56 11.87
C LEU A 312 6.89 -6.83 12.31
N GLN A 313 7.18 -7.94 11.63
CA GLN A 313 6.62 -9.22 12.05
C GLN A 313 7.49 -9.83 13.14
N VAL A 314 6.85 -10.34 14.20
CA VAL A 314 7.57 -11.06 15.25
C VAL A 314 6.87 -12.40 15.45
N GLY A 315 7.63 -13.49 15.34
CA GLY A 315 7.07 -14.81 15.44
C GLY A 315 8.13 -15.85 15.75
N GLY A 316 7.68 -17.11 15.79
CA GLY A 316 8.56 -18.24 16.06
C GLY A 316 8.64 -18.62 17.53
N ALA A 317 8.41 -17.65 18.41
CA ALA A 317 8.42 -17.85 19.86
C ALA A 317 7.53 -16.78 20.48
N LYS A 318 7.20 -16.98 21.75
CA LYS A 318 6.27 -16.08 22.44
C LYS A 318 6.87 -14.68 22.60
N PHE A 319 6.05 -13.67 22.32
CA PHE A 319 6.43 -12.26 22.39
C PHE A 319 5.55 -11.59 23.42
N ALA A 320 6.14 -11.13 24.53
CA ALA A 320 5.34 -10.68 25.67
C ALA A 320 4.60 -9.39 25.36
N PRO A 321 3.38 -9.20 25.88
CA PRO A 321 2.67 -7.95 25.62
C PRO A 321 3.45 -6.72 26.03
N GLU A 322 4.20 -6.81 27.13
CA GLU A 322 5.03 -5.69 27.55
C GLU A 322 5.98 -5.25 26.44
N ALA A 323 6.65 -6.20 25.79
CA ALA A 323 7.56 -5.85 24.70
C ALA A 323 6.77 -5.47 23.44
N ALA A 324 5.67 -6.17 23.17
CA ALA A 324 4.87 -5.86 21.99
C ALA A 324 4.41 -4.41 22.01
N ARG A 325 4.11 -3.88 23.18
CA ARG A 325 3.66 -2.50 23.31
C ARG A 325 4.74 -1.48 22.99
N ARG A 326 6.01 -1.88 22.96
CA ARG A 326 7.08 -0.93 22.66
C ARG A 326 7.28 -0.70 21.17
N VAL A 327 6.71 -1.54 20.30
CA VAL A 327 7.12 -1.52 18.88
C VAL A 327 6.72 -0.20 18.22
N ARG A 328 5.44 0.19 18.33
CA ARG A 328 5.05 1.40 17.62
C ARG A 328 5.72 2.63 18.22
N PRO A 329 5.79 2.74 19.55
CA PRO A 329 6.41 3.96 20.12
C PRO A 329 7.91 4.05 19.87
N VAL A 330 8.61 2.92 19.89
CA VAL A 330 10.07 2.94 19.77
C VAL A 330 10.50 2.94 18.30
N LEU A 331 9.88 2.09 17.49
CA LEU A 331 10.30 1.88 16.11
C LEU A 331 9.39 2.57 15.11
N GLY A 332 8.20 3.02 15.53
CA GLY A 332 7.32 3.78 14.65
C GLY A 332 6.53 2.97 13.65
N CYS A 333 6.50 1.64 13.77
CA CYS A 333 5.81 0.80 12.82
C CYS A 333 4.73 -0.03 13.51
N THR A 334 3.94 -0.70 12.67
CA THR A 334 2.91 -1.61 13.14
C THR A 334 3.53 -2.96 13.46
N LEU A 335 3.23 -3.49 14.65
CA LEU A 335 3.54 -4.86 14.97
C LEU A 335 2.58 -5.82 14.28
N GLN A 336 3.11 -6.92 13.78
CA GLN A 336 2.31 -8.07 13.36
C GLN A 336 2.88 -9.30 14.04
N GLN A 337 2.06 -9.98 14.84
CA GLN A 337 2.47 -11.23 15.43
C GLN A 337 2.10 -12.37 14.49
N VAL A 338 3.00 -13.35 14.40
CA VAL A 338 2.86 -14.45 13.46
C VAL A 338 3.16 -15.72 14.23
N PHE A 339 2.16 -16.59 14.37
CA PHE A 339 2.27 -17.87 15.03
C PHE A 339 2.01 -18.92 13.94
N GLY A 340 3.09 -19.53 13.45
CA GLY A 340 2.99 -20.50 12.37
C GLY A 340 3.79 -21.74 12.66
N MET A 341 3.76 -22.66 11.71
CA MET A 341 4.55 -23.87 11.85
C MET A 341 4.86 -24.43 10.48
N ALA A 342 6.01 -25.10 10.36
CA ALA A 342 6.43 -25.69 9.10
C ALA A 342 5.44 -26.75 8.60
N GLU A 343 4.67 -27.34 9.51
CA GLU A 343 3.69 -28.36 9.12
C GLU A 343 2.45 -27.77 8.46
N GLY A 344 2.24 -26.47 8.58
CA GLY A 344 1.09 -25.83 7.95
C GLY A 344 0.66 -24.55 8.62
N LEU A 345 -0.37 -24.66 9.47
CA LEU A 345 -1.10 -23.52 10.03
C LEU A 345 -0.21 -22.30 10.31
N VAL A 346 -0.64 -21.15 9.80
CA VAL A 346 -0.04 -19.85 10.09
C VAL A 346 -1.15 -18.89 10.52
N ASN A 347 -0.88 -18.16 11.60
CA ASN A 347 -1.79 -17.19 12.21
C ASN A 347 -1.14 -15.82 12.22
N TYR A 348 -1.91 -14.80 11.84
CA TYR A 348 -1.45 -13.42 11.78
C TYR A 348 -2.39 -12.52 12.57
N THR A 349 -1.83 -11.59 13.35
CA THR A 349 -2.64 -10.42 13.68
C THR A 349 -2.79 -9.60 12.41
N ARG A 350 -3.94 -8.96 12.25
CA ARG A 350 -4.20 -8.23 11.03
C ARG A 350 -3.68 -6.82 11.16
N LEU A 351 -3.32 -6.22 10.02
CA LEU A 351 -2.67 -4.92 10.09
C LEU A 351 -3.63 -3.83 10.52
N ASP A 352 -4.94 -4.10 10.47
CA ASP A 352 -5.94 -3.17 10.97
C ASP A 352 -6.61 -3.64 12.26
N ASP A 353 -6.08 -4.65 12.93
CA ASP A 353 -6.57 -4.99 14.26
C ASP A 353 -6.27 -3.84 15.22
N PRO A 354 -7.08 -3.66 16.26
CA PRO A 354 -6.73 -2.69 17.30
C PRO A 354 -5.46 -3.11 18.03
N ASP A 355 -4.82 -2.14 18.68
CA ASP A 355 -3.50 -2.38 19.27
C ASP A 355 -3.56 -3.37 20.43
N ASP A 356 -4.67 -3.46 21.15
CA ASP A 356 -4.74 -4.44 22.24
C ASP A 356 -4.77 -5.86 21.70
N ILE A 357 -5.46 -6.07 20.58
CA ILE A 357 -5.41 -7.36 19.93
C ILE A 357 -4.03 -7.63 19.33
N ILE A 358 -3.43 -6.61 18.70
CA ILE A 358 -2.11 -6.80 18.09
C ILE A 358 -1.08 -7.17 19.16
N THR A 359 -1.11 -6.48 20.30
CA THR A 359 -0.10 -6.65 21.34
C THR A 359 -0.39 -7.80 22.30
N THR A 360 -1.61 -8.35 22.32
CA THR A 360 -1.94 -9.40 23.27
C THR A 360 -2.23 -10.76 22.65
N THR A 361 -2.30 -10.88 21.32
CA THR A 361 -2.61 -12.15 20.67
C THR A 361 -1.56 -12.50 19.63
N GLN A 362 -1.55 -13.78 19.25
CA GLN A 362 -0.70 -14.28 18.18
C GLN A 362 -1.46 -14.49 16.87
N GLY A 363 -2.60 -13.83 16.70
CA GLY A 363 -3.29 -13.76 15.43
C GLY A 363 -4.32 -14.85 15.22
N ARG A 364 -4.97 -14.78 14.06
CA ARG A 364 -5.95 -15.76 13.62
C ARG A 364 -5.54 -16.36 12.27
N PRO A 365 -6.09 -17.51 11.90
CA PRO A 365 -5.55 -18.30 10.78
C PRO A 365 -5.70 -17.61 9.43
N ILE A 366 -4.88 -18.08 8.48
CA ILE A 366 -4.94 -17.55 7.11
C ILE A 366 -6.29 -17.83 6.48
N SER A 367 -6.76 -19.06 6.57
CA SER A 367 -7.81 -19.56 5.70
C SER A 367 -9.14 -19.66 6.45
N PRO A 368 -10.26 -19.34 5.78
CA PRO A 368 -11.57 -19.72 6.33
C PRO A 368 -11.70 -21.22 6.52
N ASP A 369 -10.93 -22.03 5.80
CA ASP A 369 -10.98 -23.48 5.95
C ASP A 369 -9.88 -24.00 6.87
N ASP A 370 -9.22 -23.14 7.63
CA ASP A 370 -8.33 -23.59 8.70
C ASP A 370 -9.20 -23.99 9.87
N GLU A 371 -9.32 -25.29 10.08
CA GLU A 371 -10.08 -25.83 11.20
C GLU A 371 -9.21 -25.88 12.45
N ILE A 372 -9.77 -25.35 13.54
CA ILE A 372 -9.08 -25.16 14.81
C ILE A 372 -9.89 -25.89 15.89
N ARG A 373 -9.29 -26.92 16.49
CA ARG A 373 -9.87 -27.61 17.63
C ARG A 373 -8.98 -27.42 18.85
N ILE A 374 -9.55 -26.98 19.97
CA ILE A 374 -8.82 -26.82 21.23
C ILE A 374 -9.43 -27.79 22.23
N VAL A 375 -8.69 -28.85 22.57
CA VAL A 375 -9.22 -30.01 23.25
C VAL A 375 -8.46 -30.25 24.57
N ASP A 376 -9.03 -31.10 25.43
CA ASP A 376 -8.36 -31.46 26.66
C ASP A 376 -7.51 -32.71 26.42
N GLU A 377 -7.09 -33.39 27.49
CA GLU A 377 -6.28 -34.60 27.38
C GLU A 377 -7.05 -35.79 26.82
N ALA A 378 -8.37 -35.69 26.67
CA ALA A 378 -9.17 -36.74 26.05
C ALA A 378 -9.81 -36.27 24.75
N ASP A 379 -9.17 -35.30 24.09
CA ASP A 379 -9.63 -34.77 22.81
C ASP A 379 -11.04 -34.21 22.87
N ARG A 380 -11.49 -33.85 24.06
CA ARG A 380 -12.77 -33.18 24.20
C ARG A 380 -12.56 -31.68 24.12
N PRO A 381 -13.33 -30.96 23.29
CA PRO A 381 -13.14 -29.51 23.19
C PRO A 381 -13.32 -28.85 24.54
N VAL A 382 -12.52 -27.81 24.80
CA VAL A 382 -12.62 -27.04 26.02
C VAL A 382 -13.64 -25.92 25.79
N PRO A 383 -14.29 -25.41 26.84
CA PRO A 383 -15.13 -24.23 26.65
C PRO A 383 -14.36 -23.11 25.96
N ASP A 384 -15.03 -22.38 25.09
CA ASP A 384 -14.34 -21.31 24.38
C ASP A 384 -13.73 -20.33 25.37
N GLY A 385 -12.44 -20.05 25.21
CA GLY A 385 -11.70 -19.15 26.07
C GLY A 385 -10.74 -19.83 27.02
N GLU A 386 -10.89 -21.14 27.23
CA GLU A 386 -9.97 -21.92 28.05
C GLU A 386 -8.79 -22.39 27.23
N VAL A 387 -7.71 -22.74 27.93
CA VAL A 387 -6.49 -23.24 27.34
C VAL A 387 -6.57 -24.75 27.15
N GLY A 388 -6.10 -25.23 26.00
CA GLY A 388 -6.06 -26.64 25.69
C GLY A 388 -5.10 -26.92 24.56
N HIS A 389 -5.05 -28.20 24.19
CA HIS A 389 -4.21 -28.64 23.09
C HIS A 389 -4.77 -28.15 21.76
N LEU A 390 -3.89 -27.63 20.91
CA LEU A 390 -4.27 -27.16 19.59
C LEU A 390 -4.15 -28.31 18.59
N LEU A 391 -5.25 -28.59 17.90
CA LEU A 391 -5.29 -29.46 16.74
C LEU A 391 -5.78 -28.63 15.57
N THR A 392 -5.26 -28.92 14.39
CA THR A 392 -5.64 -28.12 13.24
C THR A 392 -5.63 -28.97 11.98
N ARG A 393 -6.44 -28.56 11.02
CA ARG A 393 -6.57 -29.28 9.76
C ARG A 393 -6.96 -28.25 8.71
N GLY A 394 -6.38 -28.31 7.51
CA GLY A 394 -6.65 -27.27 6.56
C GLY A 394 -5.98 -27.43 5.20
N PRO A 395 -6.18 -26.44 4.33
CA PRO A 395 -5.73 -26.55 2.94
C PRO A 395 -4.23 -26.41 2.73
N TYR A 396 -3.46 -26.04 3.75
CA TYR A 396 -2.02 -26.03 3.62
C TYR A 396 -1.35 -26.68 4.84
N THR A 397 -2.10 -27.50 5.59
CA THR A 397 -1.54 -28.29 6.68
C THR A 397 -1.41 -29.74 6.24
N ILE A 398 -0.23 -30.32 6.44
CA ILE A 398 0.05 -31.66 5.93
C ILE A 398 -0.85 -32.68 6.64
N ARG A 399 -0.97 -33.85 6.01
CA ARG A 399 -1.66 -34.99 6.60
C ARG A 399 -0.69 -36.06 7.08
N GLY A 400 0.60 -35.87 6.89
CA GLY A 400 1.58 -36.82 7.40
C GLY A 400 2.98 -36.35 7.08
N TYR A 401 3.93 -36.82 7.89
CA TYR A 401 5.33 -36.57 7.63
C TYR A 401 5.85 -37.53 6.57
N TYR A 402 6.99 -37.17 5.98
CA TYR A 402 7.60 -37.95 4.91
C TYR A 402 8.24 -39.21 5.49
N ARG A 403 7.80 -40.37 5.01
CA ARG A 403 8.37 -41.66 5.39
C ARG A 403 8.47 -41.80 6.91
N ALA A 404 7.37 -41.51 7.60
CA ALA A 404 7.33 -41.56 9.06
C ALA A 404 6.00 -42.14 9.51
N GLU A 405 5.75 -43.41 9.19
CA GLU A 405 4.41 -43.94 9.41
C GLU A 405 4.15 -44.22 10.88
N GLU A 406 5.15 -44.75 11.58
CA GLU A 406 5.02 -44.89 13.03
C GLU A 406 4.71 -43.56 13.69
N HIS A 407 5.55 -42.54 13.45
CA HIS A 407 5.31 -41.24 14.05
C HIS A 407 3.99 -40.65 13.58
N ASN A 408 3.65 -40.84 12.30
CA ASN A 408 2.38 -40.31 11.80
C ASN A 408 1.19 -40.89 12.55
N ALA A 409 1.29 -42.14 13.00
CA ALA A 409 0.19 -42.69 13.79
C ALA A 409 -0.10 -41.86 15.03
N THR A 410 0.92 -41.21 15.59
CA THR A 410 0.75 -40.45 16.82
C THR A 410 0.57 -38.95 16.60
N ALA A 411 1.11 -38.40 15.51
CA ALA A 411 1.06 -36.96 15.29
C ALA A 411 -0.24 -36.48 14.66
N PHE A 412 -1.04 -37.40 14.11
CA PHE A 412 -2.28 -37.04 13.45
C PHE A 412 -3.40 -37.90 13.99
N THR A 413 -4.58 -37.31 14.18
CA THR A 413 -5.74 -38.07 14.56
C THR A 413 -6.24 -38.88 13.37
N PRO A 414 -7.08 -39.89 13.62
CA PRO A 414 -7.60 -40.70 12.51
C PRO A 414 -8.29 -39.88 11.43
N ASP A 415 -9.00 -38.81 11.78
CA ASP A 415 -9.68 -37.98 10.80
C ASP A 415 -8.81 -36.87 10.24
N GLY A 416 -7.51 -36.87 10.52
CA GLY A 416 -6.58 -36.02 9.83
C GLY A 416 -6.23 -34.70 10.48
N PHE A 417 -6.56 -34.51 11.76
CA PHE A 417 -6.11 -33.32 12.48
C PHE A 417 -4.66 -33.48 12.92
N TYR A 418 -3.86 -32.45 12.66
CA TYR A 418 -2.45 -32.44 13.09
C TYR A 418 -2.37 -31.97 14.54
N ARG A 419 -1.60 -32.70 15.35
CA ARG A 419 -1.40 -32.37 16.76
C ARG A 419 -0.22 -31.43 16.88
N THR A 420 -0.48 -30.12 17.02
CA THR A 420 0.60 -29.14 16.99
C THR A 420 1.53 -29.26 18.19
N GLY A 421 1.02 -29.75 19.33
CA GLY A 421 1.79 -29.75 20.55
C GLY A 421 1.79 -28.43 21.29
N ASP A 422 0.99 -27.49 20.85
CA ASP A 422 0.89 -26.18 21.48
C ASP A 422 -0.31 -26.12 22.40
N LEU A 423 -0.17 -25.35 23.47
CA LEU A 423 -1.27 -25.02 24.36
C LEU A 423 -1.68 -23.59 24.07
N VAL A 424 -2.95 -23.41 23.67
CA VAL A 424 -3.49 -22.13 23.25
C VAL A 424 -4.90 -21.97 23.78
N ARG A 425 -5.37 -20.72 23.75
CA ARG A 425 -6.76 -20.37 23.99
C ARG A 425 -7.22 -19.45 22.87
N ARG A 426 -8.53 -19.43 22.65
CA ARG A 426 -9.14 -18.69 21.54
C ARG A 426 -9.95 -17.52 22.08
N THR A 427 -9.79 -16.36 21.46
CA THR A 427 -10.58 -15.19 21.81
C THR A 427 -11.87 -15.15 21.02
N PRO A 428 -12.81 -14.28 21.42
CA PRO A 428 -14.08 -14.18 20.68
C PRO A 428 -13.93 -13.82 19.21
N THR A 429 -12.84 -13.14 18.83
CA THR A 429 -12.61 -12.76 17.44
C THR A 429 -11.86 -13.83 16.64
N GLY A 430 -11.61 -14.98 17.22
CA GLY A 430 -10.90 -16.05 16.53
C GLY A 430 -9.40 -16.02 16.69
N HIS A 431 -8.85 -14.96 17.29
CA HIS A 431 -7.42 -14.91 17.55
C HIS A 431 -7.03 -15.93 18.60
N LEU A 432 -5.81 -16.43 18.48
CA LEU A 432 -5.25 -17.41 19.41
C LEU A 432 -4.20 -16.75 20.28
N VAL A 433 -4.10 -17.22 21.52
CA VAL A 433 -3.05 -16.80 22.44
C VAL A 433 -2.25 -18.04 22.81
N VAL A 434 -0.95 -18.02 22.53
CA VAL A 434 -0.10 -19.16 22.84
C VAL A 434 0.30 -19.08 24.31
N GLU A 435 -0.09 -20.09 25.08
CA GLU A 435 0.08 -20.08 26.52
C GLU A 435 1.00 -21.16 27.04
N GLY A 436 1.30 -22.18 26.25
CA GLY A 436 2.29 -23.15 26.67
C GLY A 436 2.57 -24.14 25.56
N ARG A 437 3.22 -25.23 25.93
CA ARG A 437 3.45 -26.30 24.99
C ARG A 437 3.31 -27.64 25.70
N ALA A 438 2.91 -28.66 24.94
CA ALA A 438 2.81 -30.01 25.44
C ALA A 438 3.89 -30.93 24.88
N LYS A 439 4.51 -30.59 23.76
CA LYS A 439 5.53 -31.44 23.16
C LYS A 439 6.88 -31.25 23.84
N ASP A 440 7.70 -32.30 23.82
CA ASP A 440 9.08 -32.20 24.28
C ASP A 440 9.87 -31.34 23.30
N GLN A 441 9.97 -30.06 23.57
CA GLN A 441 10.68 -29.17 22.65
C GLN A 441 11.00 -27.83 23.30
N ILE A 442 12.27 -27.60 23.59
CA ILE A 442 12.71 -26.32 24.13
C ILE A 442 12.73 -25.30 23.00
N ASN A 443 12.09 -24.16 23.20
CA ASN A 443 12.04 -23.10 22.21
C ASN A 443 13.02 -22.02 22.62
N ARG A 444 14.23 -22.08 22.09
CA ARG A 444 15.29 -21.14 22.40
C ARG A 444 15.19 -19.98 21.41
N GLY A 445 14.43 -18.96 21.78
CA GLY A 445 14.27 -17.78 20.96
C GLY A 445 13.86 -18.03 19.52
N GLY A 446 13.06 -19.07 19.28
CA GLY A 446 12.60 -19.42 17.96
C GLY A 446 13.27 -20.65 17.37
N GLU A 447 14.44 -21.03 17.87
CA GLU A 447 15.10 -22.24 17.40
C GLU A 447 14.71 -23.40 18.31
N LYS A 448 14.26 -24.50 17.70
CA LYS A 448 13.65 -25.59 18.45
C LYS A 448 14.68 -26.68 18.74
N VAL A 449 14.72 -27.14 19.99
CA VAL A 449 15.68 -28.14 20.45
C VAL A 449 14.91 -29.28 21.10
N SER A 450 15.13 -30.50 20.63
CA SER A 450 14.53 -31.66 21.25
C SER A 450 15.41 -32.12 22.41
N ALA A 451 14.83 -32.16 23.62
CA ALA A 451 15.61 -32.59 24.77
C ALA A 451 16.12 -34.02 24.58
N GLU A 452 15.27 -34.90 24.06
CA GLU A 452 15.65 -36.29 23.87
C GLU A 452 16.85 -36.43 22.93
N GLU A 453 16.91 -35.61 21.88
CA GLU A 453 18.04 -35.68 20.95
C GLU A 453 19.35 -35.29 21.64
N VAL A 454 19.38 -34.10 22.26
CA VAL A 454 20.58 -33.65 22.95
C VAL A 454 20.99 -34.67 24.02
N GLU A 455 20.02 -35.20 24.77
CA GLU A 455 20.34 -36.23 25.76
C GLU A 455 21.00 -37.43 25.11
N ASN A 456 20.42 -37.92 24.01
CA ASN A 456 20.99 -39.07 23.33
C ASN A 456 22.46 -38.83 22.97
N HIS A 457 22.78 -37.63 22.48
CA HIS A 457 24.16 -37.35 22.15
C HIS A 457 25.04 -37.26 23.40
N ILE A 458 24.53 -36.65 24.48
CA ILE A 458 25.30 -36.56 25.72
C ILE A 458 25.58 -37.95 26.28
N LEU A 459 24.58 -38.84 26.24
CA LEU A 459 24.73 -40.20 26.72
C LEU A 459 25.77 -40.97 25.92
N ALA A 460 26.07 -40.55 24.70
CA ALA A 460 27.10 -41.21 23.90
C ALA A 460 28.50 -40.96 24.43
N HIS A 461 28.67 -39.97 25.30
CA HIS A 461 29.98 -39.69 25.86
C HIS A 461 30.39 -40.83 26.81
N PRO A 462 31.66 -41.23 26.77
CA PRO A 462 32.07 -42.36 27.64
C PRO A 462 31.95 -42.06 29.13
N ALA A 463 32.20 -40.83 29.55
CA ALA A 463 32.25 -40.49 30.97
C ALA A 463 30.86 -40.27 31.58
N VAL A 464 29.80 -40.37 30.79
CA VAL A 464 28.45 -40.01 31.23
C VAL A 464 27.67 -41.25 31.56
N HIS A 465 26.97 -41.22 32.69
CA HIS A 465 26.06 -42.29 33.10
C HIS A 465 24.61 -41.96 32.80
N ASP A 466 24.16 -40.73 33.09
CA ASP A 466 22.79 -40.32 32.79
C ASP A 466 22.78 -38.84 32.46
N ALA A 467 21.67 -38.37 31.89
CA ALA A 467 21.53 -36.95 31.56
C ALA A 467 20.07 -36.59 31.33
N ALA A 468 19.71 -35.36 31.71
CA ALA A 468 18.38 -34.80 31.46
C ALA A 468 18.53 -33.39 30.93
N VAL A 469 17.91 -33.11 29.79
CA VAL A 469 18.00 -31.80 29.15
C VAL A 469 16.67 -31.09 29.31
N VAL A 470 16.72 -29.87 29.83
CA VAL A 470 15.53 -29.10 30.17
C VAL A 470 15.76 -27.65 29.81
N GLY A 471 14.66 -26.92 29.59
CA GLY A 471 14.71 -25.49 29.35
C GLY A 471 14.71 -24.70 30.64
N MET A 472 15.49 -23.63 30.67
CA MET A 472 15.53 -22.72 31.80
C MET A 472 15.00 -21.37 31.34
N SER A 473 14.04 -20.83 32.09
CA SER A 473 13.39 -19.59 31.70
C SER A 473 14.44 -18.50 31.46
N ASP A 474 14.22 -17.72 30.41
CA ASP A 474 15.12 -16.64 30.02
C ASP A 474 14.29 -15.47 29.51
N PRO A 475 14.61 -14.25 29.94
CA PRO A 475 13.75 -13.11 29.54
C PRO A 475 13.86 -12.74 28.08
N TYR A 476 14.99 -13.02 27.43
CA TYR A 476 15.15 -12.73 26.01
C TYR A 476 14.72 -13.90 25.13
N LEU A 477 15.22 -15.10 25.42
CA LEU A 477 15.07 -16.28 24.58
C LEU A 477 13.87 -17.14 24.99
N GLY A 478 13.20 -16.82 26.07
CA GLY A 478 12.16 -17.69 26.58
C GLY A 478 12.75 -18.85 27.34
N GLU A 479 13.61 -19.63 26.68
CA GLU A 479 14.32 -20.72 27.32
C GLU A 479 15.75 -20.79 26.80
N ARG A 480 16.68 -21.05 27.70
CA ARG A 480 18.00 -21.56 27.36
C ARG A 480 18.01 -23.07 27.64
N VAL A 481 19.03 -23.74 27.11
CA VAL A 481 19.15 -25.19 27.21
C VAL A 481 20.09 -25.51 28.36
N CYS A 482 19.57 -26.22 29.37
CA CYS A 482 20.34 -26.67 30.51
C CYS A 482 20.40 -28.20 30.56
N ALA A 483 21.59 -28.74 30.77
CA ALA A 483 21.79 -30.19 30.81
C ALA A 483 22.27 -30.57 32.20
N TYR A 484 21.49 -31.42 32.87
CA TYR A 484 21.95 -32.10 34.07
C TYR A 484 22.65 -33.39 33.66
N VAL A 485 23.87 -33.61 34.14
CA VAL A 485 24.66 -34.76 33.72
C VAL A 485 25.18 -35.50 34.94
N ILE A 486 24.93 -36.80 35.00
CA ILE A 486 25.43 -37.70 36.04
C ILE A 486 26.55 -38.54 35.43
N ALA A 487 27.79 -38.20 35.79
CA ALA A 487 28.97 -38.86 35.25
C ALA A 487 29.44 -39.94 36.21
N ARG A 488 29.84 -41.09 35.64
CA ARG A 488 30.33 -42.23 36.46
C ARG A 488 31.67 -41.85 37.10
N PRO A 491 33.67 -36.63 36.54
CA PRO A 491 32.93 -36.19 35.35
C PRO A 491 33.86 -35.44 34.38
N PRO A 492 33.50 -35.31 33.08
CA PRO A 492 34.33 -34.59 32.11
C PRO A 492 34.21 -33.09 32.30
N SER A 493 35.16 -32.38 31.71
CA SER A 493 35.09 -30.93 31.66
C SER A 493 33.82 -30.47 30.96
N ARG A 494 33.27 -29.33 31.41
CA ARG A 494 32.16 -28.72 30.69
C ARG A 494 32.55 -28.41 29.26
N SER A 495 33.67 -27.71 29.08
CA SER A 495 34.21 -27.43 27.76
C SER A 495 34.40 -28.72 26.97
N GLU A 496 34.89 -29.77 27.62
CA GLU A 496 35.13 -31.02 26.90
C GLU A 496 33.82 -31.65 26.46
N LEU A 497 32.79 -31.60 27.30
CA LEU A 497 31.50 -32.17 26.91
C LEU A 497 30.91 -31.43 25.73
N LEU A 498 30.91 -30.09 25.79
CA LEU A 498 30.39 -29.31 24.66
C LEU A 498 31.19 -29.57 23.39
N ARG A 499 32.52 -29.74 23.53
CA ARG A 499 33.35 -30.08 22.37
C ARG A 499 32.92 -31.42 21.76
N PHE A 500 32.76 -32.45 22.61
CA PHE A 500 32.26 -33.73 22.13
C PHE A 500 30.93 -33.58 21.40
N LEU A 501 30.04 -32.73 21.92
CA LEU A 501 28.76 -32.53 21.25
C LEU A 501 28.93 -31.87 19.88
N ARG A 502 29.89 -30.96 19.75
CA ARG A 502 30.15 -30.36 18.44
C ARG A 502 30.75 -31.39 17.47
N GLU A 503 31.62 -32.26 17.98
CA GLU A 503 32.15 -33.34 17.16
C GLU A 503 31.07 -34.35 16.77
N ARG A 504 30.00 -34.44 17.55
CA ARG A 504 28.88 -35.30 17.20
C ARG A 504 28.07 -34.77 16.02
N GLY A 505 28.23 -33.49 15.70
CA GLY A 505 27.48 -32.89 14.61
C GLY A 505 26.17 -32.26 14.98
N LEU A 506 25.95 -31.95 16.26
CA LEU A 506 24.69 -31.33 16.67
C LEU A 506 24.62 -29.88 16.17
N ALA A 507 23.41 -29.48 15.73
CA ALA A 507 23.21 -28.11 15.30
C ALA A 507 23.69 -27.14 16.36
N SER A 508 24.22 -26.00 15.91
CA SER A 508 24.84 -25.03 16.80
C SER A 508 23.95 -24.67 17.98
N TYR A 509 22.66 -24.43 17.72
CA TYR A 509 21.74 -23.95 18.75
C TYR A 509 21.23 -25.04 19.68
N LYS A 510 21.57 -26.31 19.42
CA LYS A 510 21.21 -27.42 20.31
C LYS A 510 22.28 -27.69 21.36
N ILE A 511 23.45 -27.08 21.25
CA ILE A 511 24.48 -27.23 22.30
C ILE A 511 24.00 -26.54 23.57
N PRO A 512 24.05 -27.20 24.73
CA PRO A 512 23.47 -26.61 25.94
C PRO A 512 24.13 -25.29 26.35
N ASP A 513 23.30 -24.33 26.74
CA ASP A 513 23.81 -23.09 27.32
C ASP A 513 24.46 -23.36 28.68
N ARG A 514 23.90 -24.27 29.46
CA ARG A 514 24.38 -24.54 30.79
C ARG A 514 24.53 -26.04 30.99
N VAL A 515 25.60 -26.43 31.67
CA VAL A 515 25.84 -27.82 32.05
C VAL A 515 26.04 -27.88 33.56
N GLU A 516 25.29 -28.76 34.22
CA GLU A 516 25.40 -28.90 35.70
C GLU A 516 25.60 -30.38 36.07
N PHE A 517 26.84 -30.76 36.41
CA PHE A 517 27.13 -32.13 36.81
C PHE A 517 26.61 -32.36 38.21
N VAL A 518 25.92 -33.48 38.40
CA VAL A 518 25.27 -33.80 39.67
C VAL A 518 25.46 -35.28 39.96
N ASP A 519 25.51 -35.62 41.25
CA ASP A 519 25.54 -37.03 41.64
C ASP A 519 24.20 -37.69 41.40
N ARG A 520 23.13 -36.91 41.37
CA ARG A 520 21.77 -37.41 41.20
C ARG A 520 20.90 -36.24 40.75
N PHE A 521 19.84 -36.54 40.03
CA PHE A 521 18.93 -35.48 39.62
C PHE A 521 18.28 -34.89 40.86
N PRO A 522 18.28 -33.55 41.04
CA PRO A 522 17.71 -32.93 42.24
C PRO A 522 16.19 -32.89 42.22
N VAL A 523 15.57 -34.05 42.10
CA VAL A 523 14.11 -34.18 42.19
C VAL A 523 13.78 -35.42 43.02
N THR A 524 12.58 -35.42 43.60
CA THR A 524 12.13 -36.51 44.45
C THR A 524 11.48 -37.60 43.60
N GLY A 525 11.85 -38.85 43.87
CA GLY A 525 11.28 -40.00 43.19
C GLY A 525 11.77 -40.18 41.77
N VAL A 526 13.09 -40.12 41.56
CA VAL A 526 13.64 -40.23 40.22
C VAL A 526 13.30 -41.58 39.59
N GLY A 527 13.47 -42.66 40.37
CA GLY A 527 13.17 -43.97 39.82
C GLY A 527 11.69 -44.30 39.70
N LYS A 528 10.83 -43.34 39.99
CA LYS A 528 9.39 -43.56 40.07
C LYS A 528 8.60 -42.66 39.14
N ILE A 529 9.28 -41.84 38.33
CA ILE A 529 8.63 -40.95 37.37
C ILE A 529 9.23 -41.17 35.99
N SER A 530 8.47 -40.82 34.96
CA SER A 530 8.94 -40.95 33.59
C SER A 530 10.02 -39.90 33.31
N ARG A 531 10.68 -40.08 32.17
CA ARG A 531 11.68 -39.10 31.73
C ARG A 531 11.04 -37.75 31.45
N SER A 532 9.86 -37.74 30.85
CA SER A 532 9.16 -36.49 30.61
C SER A 532 8.82 -35.79 31.93
N GLU A 533 8.30 -36.55 32.88
CA GLU A 533 8.03 -36.00 34.21
C GLU A 533 9.30 -35.46 34.85
N LEU A 534 10.39 -36.21 34.72
CA LEU A 534 11.69 -35.75 35.24
C LEU A 534 12.07 -34.39 34.65
N ARG A 535 11.96 -34.25 33.33
CA ARG A 535 12.33 -32.98 32.70
C ARG A 535 11.42 -31.86 33.18
N ARG A 536 10.12 -32.14 33.34
CA ARG A 536 9.20 -31.12 33.84
C ARG A 536 9.59 -30.66 35.24
N GLU A 537 9.92 -31.59 36.13
CA GLU A 537 10.30 -31.22 37.49
C GLU A 537 11.60 -30.43 37.51
N LEU A 538 12.62 -30.92 36.79
CA LEU A 538 13.89 -30.20 36.72
C LEU A 538 13.70 -28.79 36.19
N ALA A 539 12.89 -28.64 35.13
CA ALA A 539 12.65 -27.32 34.56
C ALA A 539 11.88 -26.43 35.54
N ARG A 540 10.97 -27.01 36.32
CA ARG A 540 10.29 -26.24 37.36
C ARG A 540 11.28 -25.70 38.38
N ARG A 541 12.32 -26.48 38.71
CA ARG A 541 13.38 -25.98 39.58
C ARG A 541 14.03 -24.72 39.02
N LEU A 542 14.14 -24.61 37.70
CA LEU A 542 14.85 -23.52 37.05
C LEU A 542 13.96 -22.36 36.67
N ASP A 543 12.74 -22.31 37.18
CA ASP A 543 11.88 -21.13 36.97
C ASP A 543 11.55 -20.52 38.33
N GLY B 7 -15.27 32.12 10.75
CA GLY B 7 -16.26 31.26 10.12
C GLY B 7 -15.70 29.94 9.64
N CYS B 8 -14.44 29.69 10.01
CA CYS B 8 -13.72 28.48 9.63
C CYS B 8 -13.64 27.52 10.80
N THR B 9 -13.45 26.24 10.47
CA THR B 9 -13.37 25.20 11.50
C THR B 9 -11.93 24.71 11.61
N PRO B 10 -11.24 24.94 12.73
CA PRO B 10 -9.84 24.54 12.83
C PRO B 10 -9.69 23.06 13.10
N TRP B 11 -8.47 22.57 12.86
CA TRP B 11 -8.09 21.24 13.30
C TRP B 11 -7.90 21.23 14.82
N PRO B 12 -8.21 20.12 15.48
CA PRO B 12 -7.90 20.03 16.91
C PRO B 12 -6.41 20.23 17.17
N ALA B 13 -6.10 20.76 18.35
CA ALA B 13 -4.71 21.07 18.69
C ALA B 13 -3.80 19.86 18.56
N GLU B 14 -4.28 18.68 18.97
CA GLU B 14 -3.41 17.51 18.96
C GLU B 14 -3.10 17.07 17.53
N PHE B 15 -4.05 17.24 16.62
CA PHE B 15 -3.79 16.96 15.21
C PHE B 15 -2.79 17.96 14.63
N ALA B 16 -3.01 19.24 14.86
CA ALA B 16 -2.08 20.26 14.37
C ALA B 16 -0.66 19.97 14.85
N VAL B 17 -0.50 19.68 16.15
CA VAL B 17 0.80 19.33 16.69
C VAL B 17 1.40 18.15 15.93
N ARG B 18 0.62 17.08 15.77
CA ARG B 18 1.12 15.91 15.07
C ARG B 18 1.56 16.26 13.64
N TYR B 19 0.81 17.15 12.97
CA TYR B 19 1.05 17.45 11.57
C TYR B 19 2.25 18.37 11.38
N ARG B 20 2.52 19.24 12.35
CA ARG B 20 3.75 20.01 12.29
C ARG B 20 4.96 19.16 12.65
N GLU B 21 4.83 18.28 13.65
CA GLU B 21 5.97 17.44 14.02
C GLU B 21 6.31 16.43 12.94
N ALA B 22 5.31 15.94 12.20
CA ALA B 22 5.56 15.02 11.11
C ALA B 22 6.18 15.70 9.89
N GLY B 23 6.25 17.02 9.87
CA GLY B 23 6.80 17.75 8.75
C GLY B 23 5.80 18.14 7.67
N TYR B 24 4.52 17.81 7.83
CA TYR B 24 3.52 18.16 6.83
C TYR B 24 3.29 19.66 6.80
N TRP B 25 3.05 20.27 7.96
CA TRP B 25 2.79 21.69 8.09
C TRP B 25 4.10 22.39 8.43
N THR B 26 4.66 23.13 7.48
CA THR B 26 5.99 23.70 7.63
C THR B 26 5.99 25.15 8.09
N GLY B 27 4.86 25.85 8.00
CA GLY B 27 4.77 27.24 8.35
C GLY B 27 4.99 28.21 7.22
N GLU B 28 5.34 27.73 6.03
CA GLU B 28 5.49 28.60 4.86
C GLU B 28 4.13 29.10 4.42
N THR B 29 4.03 30.39 4.15
CA THR B 29 2.82 31.00 3.59
C THR B 29 2.98 31.10 2.08
N PHE B 30 1.87 31.36 1.39
CA PHE B 30 2.00 31.61 -0.04
C PHE B 30 2.72 32.92 -0.32
N SER B 31 2.64 33.87 0.60
CA SER B 31 3.50 35.06 0.57
C SER B 31 4.97 34.66 0.47
N ASP B 32 5.43 33.81 1.40
CA ASP B 32 6.81 33.32 1.35
C ASP B 32 7.06 32.56 0.06
N PHE B 33 6.09 31.73 -0.35
CA PHE B 33 6.23 30.87 -1.54
C PHE B 33 6.54 31.69 -2.79
N VAL B 34 5.76 32.74 -3.06
CA VAL B 34 5.95 33.54 -4.27
C VAL B 34 7.38 34.06 -4.35
N THR B 35 7.85 34.67 -3.25
CA THR B 35 9.18 35.27 -3.23
C THR B 35 10.27 34.21 -3.35
N ASP B 36 10.16 33.14 -2.57
CA ASP B 36 11.21 32.13 -2.55
C ASP B 36 11.35 31.44 -3.91
N ARG B 37 10.24 30.96 -4.47
CA ARG B 37 10.34 30.23 -5.73
C ARG B 37 10.75 31.16 -6.87
N THR B 38 10.24 32.39 -6.90
CA THR B 38 10.66 33.27 -7.99
C THR B 38 12.12 33.73 -7.84
N ARG B 39 12.66 33.74 -6.61
CA ARG B 39 14.09 33.98 -6.43
C ARG B 39 14.90 32.76 -6.86
N ARG B 40 14.48 31.58 -6.40
CA ARG B 40 15.26 30.37 -6.57
C ARG B 40 15.40 29.99 -8.03
N PHE B 41 14.31 30.10 -8.81
CA PHE B 41 14.26 29.63 -10.18
C PHE B 41 14.20 30.79 -11.18
N ALA B 42 14.75 31.94 -10.78
CA ALA B 42 14.52 33.20 -11.49
C ALA B 42 14.75 33.09 -13.00
N ASP B 43 15.82 32.43 -13.41
CA ASP B 43 16.21 32.41 -14.82
C ASP B 43 15.42 31.44 -15.68
N ARG B 44 14.70 30.50 -15.06
CA ARG B 44 13.96 29.51 -15.82
C ARG B 44 12.61 30.06 -16.27
N LEU B 45 12.04 29.39 -17.28
CA LEU B 45 10.75 29.75 -17.85
C LEU B 45 9.64 29.21 -16.95
N ALA B 46 8.77 30.11 -16.48
CA ALA B 46 7.66 29.78 -15.58
C ALA B 46 6.31 29.67 -16.29
N VAL B 47 5.97 30.62 -17.16
CA VAL B 47 4.63 30.72 -17.71
C VAL B 47 4.70 30.89 -19.22
N VAL B 48 3.99 30.01 -19.94
CA VAL B 48 3.81 30.12 -21.38
C VAL B 48 2.32 30.15 -21.68
N GLY B 49 1.87 31.16 -22.40
CA GLY B 49 0.48 31.26 -22.78
C GLY B 49 0.15 32.57 -23.47
N ALA B 50 -0.84 32.54 -24.36
CA ALA B 50 -1.37 33.76 -24.98
C ALA B 50 -0.25 34.65 -25.50
N GLY B 51 0.76 34.04 -26.10
CA GLY B 51 1.88 34.76 -26.66
C GLY B 51 2.93 35.21 -25.68
N GLN B 52 2.72 34.99 -24.38
CA GLN B 52 3.65 35.38 -23.33
C GLN B 52 4.57 34.22 -22.98
N ARG B 53 5.82 34.56 -22.63
CA ARG B 53 6.76 33.60 -22.07
C ARG B 53 7.47 34.30 -20.91
N TRP B 54 7.03 34.04 -19.69
CA TRP B 54 7.52 34.72 -18.50
C TRP B 54 8.48 33.82 -17.75
N THR B 55 9.66 34.33 -17.43
CA THR B 55 10.55 33.64 -16.50
C THR B 55 10.00 33.77 -15.08
N TYR B 56 10.59 32.98 -14.17
CA TYR B 56 10.25 33.13 -12.76
C TYR B 56 10.49 34.56 -12.29
N ALA B 57 11.59 35.17 -12.75
CA ALA B 57 11.85 36.55 -12.35
C ALA B 57 10.80 37.51 -12.90
N GLU B 58 10.33 37.29 -14.13
CA GLU B 58 9.28 38.16 -14.66
C GLU B 58 7.97 37.97 -13.92
N LEU B 59 7.65 36.72 -13.56
CA LEU B 59 6.43 36.47 -12.80
C LEU B 59 6.51 37.11 -11.42
N GLY B 60 7.68 37.04 -10.79
CA GLY B 60 7.87 37.73 -9.52
C GLY B 60 7.69 39.23 -9.62
N GLU B 61 8.33 39.86 -10.61
CA GLU B 61 8.25 41.31 -10.71
C GLU B 61 6.86 41.77 -11.10
N ARG B 62 6.24 41.09 -12.06
CA ARG B 62 4.86 41.40 -12.44
C ARG B 62 3.92 41.29 -11.24
N SER B 63 4.02 40.21 -10.47
CA SER B 63 3.12 40.08 -9.34
C SER B 63 3.41 41.15 -8.28
N ALA B 64 4.66 41.62 -8.17
CA ALA B 64 4.95 42.67 -7.20
C ALA B 64 4.34 44.02 -7.62
N VAL B 65 4.51 44.41 -8.88
CA VAL B 65 3.94 45.71 -9.28
C VAL B 65 2.43 45.65 -9.30
N LEU B 66 1.86 44.49 -9.65
CA LEU B 66 0.40 44.35 -9.63
C LEU B 66 -0.13 44.36 -8.21
N ALA B 67 0.54 43.66 -7.28
CA ALA B 67 0.16 43.73 -5.87
C ALA B 67 0.18 45.18 -5.38
N THR B 68 1.18 45.95 -5.80
CA THR B 68 1.23 47.37 -5.45
C THR B 68 0.00 48.11 -5.98
N GLY B 69 -0.34 47.89 -7.26
CA GLY B 69 -1.50 48.57 -7.81
C GLY B 69 -2.81 48.18 -7.15
N LEU B 70 -2.98 46.89 -6.85
CA LEU B 70 -4.19 46.43 -6.17
C LEU B 70 -4.28 46.99 -4.77
N ALA B 71 -3.16 47.03 -4.05
CA ALA B 71 -3.14 47.64 -2.73
C ALA B 71 -3.59 49.09 -2.80
N ARG B 72 -3.07 49.84 -3.77
CA ARG B 72 -3.48 51.23 -3.92
C ARG B 72 -4.94 51.34 -4.35
N LEU B 73 -5.47 50.31 -5.01
CA LEU B 73 -6.88 50.31 -5.40
C LEU B 73 -7.80 50.17 -4.19
N GLY B 74 -7.33 49.51 -3.13
CA GLY B 74 -8.13 49.36 -1.93
C GLY B 74 -8.15 47.94 -1.39
N ILE B 75 -7.42 47.02 -2.01
CA ILE B 75 -7.38 45.65 -1.54
C ILE B 75 -6.39 45.55 -0.39
N ALA B 76 -6.87 45.08 0.76
CA ALA B 76 -6.06 44.97 1.96
C ALA B 76 -5.90 43.51 2.35
N ALA B 77 -4.95 43.27 3.25
CA ALA B 77 -4.77 41.94 3.80
C ALA B 77 -6.07 41.45 4.41
N GLY B 78 -6.39 40.17 4.17
CA GLY B 78 -7.61 39.57 4.67
C GLY B 78 -8.82 39.77 3.78
N ASP B 79 -8.79 40.75 2.87
CA ASP B 79 -9.89 40.93 1.94
C ASP B 79 -10.03 39.70 1.05
N ARG B 80 -11.25 39.47 0.57
CA ARG B 80 -11.53 38.40 -0.36
C ARG B 80 -11.73 38.99 -1.76
N VAL B 81 -11.17 38.31 -2.76
CA VAL B 81 -11.23 38.76 -4.15
C VAL B 81 -11.66 37.58 -5.00
N VAL B 82 -12.84 37.68 -5.62
CA VAL B 82 -13.31 36.63 -6.52
C VAL B 82 -12.49 36.71 -7.81
N VAL B 83 -11.86 35.60 -8.18
CA VAL B 83 -11.05 35.51 -9.40
C VAL B 83 -11.77 34.58 -10.35
N GLN B 84 -12.26 35.12 -11.47
CA GLN B 84 -12.94 34.33 -12.49
C GLN B 84 -12.20 34.53 -13.82
N LEU B 85 -11.09 33.84 -13.97
CA LEU B 85 -10.29 34.09 -15.16
C LEU B 85 -10.08 32.80 -15.95
N PRO B 86 -9.94 32.89 -17.27
CA PRO B 86 -9.64 31.70 -18.05
C PRO B 86 -8.16 31.33 -17.95
N ASN B 87 -7.72 30.35 -18.74
CA ASN B 87 -6.32 29.92 -18.71
C ASN B 87 -5.47 30.93 -19.48
N ILE B 88 -5.24 32.07 -18.85
CA ILE B 88 -4.36 33.11 -19.41
C ILE B 88 -3.30 33.45 -18.38
N PRO B 89 -2.14 33.98 -18.82
CA PRO B 89 -1.06 34.24 -17.85
C PRO B 89 -1.44 35.25 -16.76
N GLU B 90 -2.37 36.15 -17.05
CA GLU B 90 -2.85 37.08 -16.03
C GLU B 90 -3.41 36.37 -14.81
N LEU B 91 -3.88 35.14 -14.97
CA LEU B 91 -4.33 34.35 -13.82
C LEU B 91 -3.22 34.23 -12.78
N PHE B 92 -2.02 33.84 -13.22
CA PHE B 92 -0.92 33.68 -12.29
C PHE B 92 -0.42 35.03 -11.79
N GLU B 93 -0.42 36.03 -12.67
CA GLU B 93 -0.07 37.38 -12.23
C GLU B 93 -0.96 37.83 -11.07
N VAL B 94 -2.27 37.63 -11.21
CA VAL B 94 -3.25 38.08 -10.22
C VAL B 94 -3.16 37.24 -8.95
N VAL B 95 -3.09 35.93 -9.09
CA VAL B 95 -3.02 35.07 -7.92
C VAL B 95 -1.79 35.40 -7.09
N PHE B 96 -0.61 35.42 -7.74
CA PHE B 96 0.60 35.76 -7.00
C PHE B 96 0.50 37.14 -6.34
N ALA B 97 -0.07 38.12 -7.05
CA ALA B 97 -0.23 39.44 -6.46
C ALA B 97 -1.05 39.37 -5.17
N LEU B 98 -2.19 38.68 -5.22
CA LEU B 98 -3.06 38.59 -4.05
C LEU B 98 -2.35 37.89 -2.90
N PHE B 99 -1.56 36.84 -3.19
CA PHE B 99 -0.80 36.19 -2.15
C PHE B 99 0.19 37.16 -1.51
N ARG B 100 0.81 38.02 -2.33
CA ARG B 100 1.71 39.02 -1.76
C ARG B 100 0.99 39.95 -0.79
N LEU B 101 -0.23 40.36 -1.13
CA LEU B 101 -0.96 41.27 -0.25
C LEU B 101 -1.49 40.61 1.02
N GLY B 102 -1.46 39.28 1.11
CA GLY B 102 -2.18 38.62 2.18
C GLY B 102 -3.68 38.63 1.98
N ALA B 103 -4.13 38.83 0.76
CA ALA B 103 -5.53 38.74 0.38
C ALA B 103 -5.89 37.30 0.02
N LEU B 104 -7.18 37.01 0.04
CA LEU B 104 -7.67 35.66 -0.20
C LEU B 104 -8.36 35.57 -1.54
N PRO B 105 -7.81 34.85 -2.51
CA PRO B 105 -8.58 34.53 -3.71
C PRO B 105 -9.79 33.67 -3.36
N VAL B 106 -10.86 33.88 -4.11
CA VAL B 106 -12.07 33.06 -4.07
C VAL B 106 -12.27 32.59 -5.51
N TYR B 107 -12.03 31.31 -5.77
CA TYR B 107 -11.87 30.82 -7.12
C TYR B 107 -13.22 30.46 -7.74
N ALA B 108 -13.56 31.11 -8.85
CA ALA B 108 -14.69 30.74 -9.68
C ALA B 108 -14.18 30.25 -11.03
N LEU B 109 -14.96 29.37 -11.66
CA LEU B 109 -14.56 28.83 -12.95
C LEU B 109 -15.16 29.66 -14.08
N PRO B 110 -14.57 29.59 -15.28
CA PRO B 110 -15.09 30.41 -16.39
C PRO B 110 -16.54 30.13 -16.72
N ALA B 111 -17.02 28.91 -16.50
CA ALA B 111 -18.39 28.54 -16.85
C ALA B 111 -19.42 29.04 -15.85
N HIS B 112 -19.00 29.41 -14.65
CA HIS B 112 -19.94 29.92 -13.66
C HIS B 112 -20.58 31.20 -14.17
N ARG B 113 -21.81 31.45 -13.71
CA ARG B 113 -22.55 32.61 -14.19
C ARG B 113 -23.11 33.41 -13.02
N ALA B 114 -24.05 34.31 -13.32
CA ALA B 114 -24.46 35.31 -12.33
C ALA B 114 -24.95 34.68 -11.03
N HIS B 115 -25.50 33.47 -11.09
CA HIS B 115 -26.00 32.81 -9.88
C HIS B 115 -24.84 32.39 -8.98
N GLU B 116 -23.89 31.62 -9.52
CA GLU B 116 -22.74 31.19 -8.73
C GLU B 116 -21.89 32.38 -8.30
N ILE B 117 -21.65 33.33 -9.22
CA ILE B 117 -20.79 34.46 -8.88
C ILE B 117 -21.43 35.33 -7.82
N THR B 118 -22.74 35.56 -7.91
CA THR B 118 -23.43 36.28 -6.85
C THR B 118 -23.29 35.56 -5.52
N HIS B 119 -23.48 34.23 -5.53
CA HIS B 119 -23.29 33.44 -4.32
C HIS B 119 -21.91 33.65 -3.72
N LEU B 120 -20.87 33.64 -4.57
CA LEU B 120 -19.49 33.77 -4.08
C LEU B 120 -19.23 35.17 -3.53
N CYS B 121 -19.65 36.20 -4.27
CA CYS B 121 -19.38 37.57 -3.84
C CYS B 121 -20.06 37.87 -2.51
N THR B 122 -21.31 37.44 -2.37
CA THR B 122 -22.05 37.76 -1.15
C THR B 122 -21.59 36.89 0.02
N THR B 123 -21.38 35.59 -0.21
CA THR B 123 -21.00 34.70 0.87
C THR B 123 -19.62 35.05 1.44
N ALA B 124 -18.66 35.32 0.57
CA ALA B 124 -17.33 35.67 1.01
C ALA B 124 -17.16 37.16 1.26
N GLN B 125 -18.19 37.97 1.00
CA GLN B 125 -18.12 39.40 1.23
C GLN B 125 -16.95 40.00 0.47
N ALA B 126 -16.89 39.69 -0.83
CA ALA B 126 -15.74 40.01 -1.64
C ALA B 126 -15.54 41.53 -1.77
N LYS B 127 -14.27 41.94 -1.72
CA LYS B 127 -13.89 43.33 -1.98
C LYS B 127 -13.80 43.63 -3.47
N ALA B 128 -13.58 42.62 -4.31
CA ALA B 128 -13.38 42.86 -5.73
C ALA B 128 -13.71 41.59 -6.50
N LEU B 129 -13.87 41.75 -7.80
CA LEU B 129 -14.11 40.67 -8.73
C LEU B 129 -13.26 40.91 -9.95
N ILE B 130 -12.46 39.93 -10.35
CA ILE B 130 -11.56 40.05 -11.48
C ILE B 130 -12.02 39.10 -12.57
N ILE B 131 -12.25 39.65 -13.76
CA ILE B 131 -12.89 38.93 -14.86
C ILE B 131 -12.21 39.31 -16.16
N PRO B 132 -12.35 38.48 -17.19
CA PRO B 132 -11.99 38.90 -18.55
C PRO B 132 -13.12 39.72 -19.16
N ASP B 133 -12.80 40.39 -20.27
CA ASP B 133 -13.85 41.07 -21.02
C ASP B 133 -14.80 40.05 -21.63
N ARG B 134 -14.26 39.12 -22.41
CA ARG B 134 -15.06 38.08 -23.04
C ARG B 134 -14.23 36.82 -23.12
N HIS B 135 -14.89 35.68 -22.92
CA HIS B 135 -14.22 34.39 -23.04
C HIS B 135 -15.26 33.36 -23.47
N ALA B 136 -14.91 32.56 -24.46
CA ALA B 136 -15.77 31.47 -24.92
C ALA B 136 -17.14 31.99 -25.36
N GLY B 137 -17.16 33.18 -25.95
CA GLY B 137 -18.38 33.78 -26.44
C GLY B 137 -19.20 34.53 -25.42
N PHE B 138 -18.91 34.38 -24.14
CA PHE B 138 -19.65 35.06 -23.07
C PHE B 138 -18.96 36.37 -22.72
N ASP B 139 -19.76 37.40 -22.51
CA ASP B 139 -19.28 38.72 -22.08
C ASP B 139 -19.47 38.81 -20.57
N TYR B 140 -18.36 38.87 -19.84
CA TYR B 140 -18.45 38.93 -18.38
C TYR B 140 -18.73 40.33 -17.87
N ARG B 141 -18.43 41.36 -18.66
CA ARG B 141 -18.73 42.72 -18.24
C ARG B 141 -20.23 42.95 -18.15
N THR B 142 -21.01 42.28 -18.99
CA THR B 142 -22.47 42.36 -18.88
C THR B 142 -22.96 41.75 -17.57
N MET B 143 -22.38 40.60 -17.20
CA MET B 143 -22.70 39.96 -15.92
C MET B 143 -22.34 40.88 -14.75
N ALA B 144 -21.12 41.43 -14.76
CA ALA B 144 -20.72 42.34 -13.70
C ALA B 144 -21.65 43.54 -13.61
N ALA B 145 -22.06 44.10 -14.76
CA ALA B 145 -23.01 45.20 -14.74
C ALA B 145 -24.36 44.74 -14.18
N GLN B 146 -24.72 43.48 -14.38
CA GLN B 146 -25.98 42.99 -13.85
C GLN B 146 -25.93 42.85 -12.32
N LEU B 147 -24.82 42.33 -11.79
CA LEU B 147 -24.70 42.28 -10.33
C LEU B 147 -24.57 43.68 -9.74
N ARG B 148 -23.91 44.58 -10.46
CA ARG B 148 -23.78 45.97 -10.00
C ARG B 148 -25.15 46.64 -9.93
N HIS B 149 -25.96 46.48 -10.97
CA HIS B 149 -27.32 46.99 -10.94
C HIS B 149 -28.14 46.33 -9.84
N ALA B 150 -27.82 45.09 -9.47
CA ALA B 150 -28.53 44.38 -8.41
C ALA B 150 -27.93 44.59 -7.02
N GLY B 151 -26.91 45.44 -6.89
CA GLY B 151 -26.29 45.65 -5.61
C GLY B 151 -25.48 44.49 -5.07
N THR B 152 -25.16 43.49 -5.89
CA THR B 152 -24.43 42.31 -5.45
C THR B 152 -22.98 42.30 -5.92
N ALA B 153 -22.60 43.18 -6.83
CA ALA B 153 -21.23 43.21 -7.27
C ALA B 153 -20.33 43.72 -6.15
N PRO B 154 -19.12 43.19 -6.01
CA PRO B 154 -18.18 43.73 -5.03
C PRO B 154 -17.89 45.20 -5.31
N GLU B 155 -17.16 45.81 -4.39
CA GLU B 155 -16.81 47.21 -4.53
C GLU B 155 -16.03 47.46 -5.83
N HIS B 156 -15.00 46.66 -6.10
CA HIS B 156 -14.17 46.82 -7.29
C HIS B 156 -14.39 45.67 -8.26
N VAL B 157 -14.46 46.01 -9.55
CA VAL B 157 -14.56 45.05 -10.65
C VAL B 157 -13.42 45.37 -11.61
N VAL B 158 -12.48 44.43 -11.76
CA VAL B 158 -11.28 44.61 -12.57
C VAL B 158 -11.40 43.71 -13.79
N VAL B 159 -11.18 44.26 -14.97
CA VAL B 159 -11.39 43.55 -16.23
C VAL B 159 -10.04 43.37 -16.92
N VAL B 160 -9.75 42.12 -17.28
CA VAL B 160 -8.58 41.79 -18.09
C VAL B 160 -9.00 41.89 -19.55
N GLY B 161 -8.51 42.93 -20.24
CA GLY B 161 -8.86 43.17 -21.63
C GLY B 161 -9.43 44.58 -21.81
N GLU B 162 -10.42 44.70 -22.67
CA GLU B 162 -11.12 45.96 -22.84
C GLU B 162 -12.01 46.20 -21.61
N PRO B 163 -11.77 47.25 -20.83
CA PRO B 163 -12.44 47.34 -19.52
C PRO B 163 -13.91 47.66 -19.60
N GLY B 164 -14.38 48.24 -20.70
CA GLY B 164 -15.73 48.76 -20.73
C GLY B 164 -15.86 49.91 -19.76
N GLY B 165 -16.70 49.76 -18.74
CA GLY B 165 -16.85 50.77 -17.72
C GLY B 165 -16.18 50.46 -16.40
N PHE B 166 -15.36 49.42 -16.33
CA PHE B 166 -14.77 48.93 -15.09
C PHE B 166 -13.28 49.23 -15.06
N THR B 167 -12.59 48.68 -14.06
CA THR B 167 -11.18 48.99 -13.84
C THR B 167 -10.31 48.09 -14.71
N PRO B 168 -9.47 48.65 -15.58
CA PRO B 168 -8.62 47.81 -16.43
C PRO B 168 -7.45 47.28 -15.61
N LEU B 169 -7.18 45.97 -15.75
CA LEU B 169 -6.07 45.40 -15.01
C LEU B 169 -4.77 46.16 -15.26
N ALA B 170 -4.58 46.67 -16.49
CA ALA B 170 -3.32 47.29 -16.87
C ALA B 170 -2.99 48.49 -15.99
N GLU B 171 -4.00 49.24 -15.54
CA GLU B 171 -3.75 50.41 -14.69
C GLU B 171 -3.28 50.02 -13.29
N LEU B 172 -3.45 48.76 -12.90
CA LEU B 172 -3.02 48.30 -11.58
C LEU B 172 -1.60 47.77 -11.59
N ARG B 173 -0.91 47.84 -12.72
CA ARG B 173 0.51 47.47 -12.81
C ARG B 173 1.33 48.72 -12.52
N ALA B 174 1.72 48.88 -11.25
CA ALA B 174 2.47 50.06 -10.85
C ALA B 174 3.82 50.11 -11.57
N ASP B 175 4.34 51.33 -11.72
CA ASP B 175 5.63 51.49 -12.38
C ASP B 175 6.75 50.83 -11.59
N ARG B 176 6.67 50.85 -10.27
CA ARG B 176 7.65 50.20 -9.43
C ARG B 176 6.93 49.63 -8.21
N PRO B 177 7.35 48.48 -7.71
CA PRO B 177 6.69 47.90 -6.54
C PRO B 177 6.95 48.71 -5.28
N ASP B 178 6.04 48.54 -4.32
CA ASP B 178 6.16 49.14 -2.99
C ASP B 178 6.04 48.01 -1.96
N PRO B 179 7.15 47.34 -1.65
CA PRO B 179 7.08 46.21 -0.71
C PRO B 179 6.47 46.57 0.64
N GLY B 180 6.25 47.85 0.93
CA GLY B 180 5.64 48.23 2.18
C GLY B 180 4.17 47.94 2.26
N VAL B 181 3.52 47.66 1.13
CA VAL B 181 2.10 47.31 1.13
C VAL B 181 1.87 45.79 1.17
N PHE B 182 2.94 45.00 1.13
CA PHE B 182 2.77 43.56 1.21
C PHE B 182 2.58 43.14 2.67
N THR B 183 1.96 41.97 2.85
CA THR B 183 1.69 41.47 4.20
C THR B 183 1.87 39.96 4.24
N ARG B 184 2.59 39.47 5.25
CA ARG B 184 2.73 38.04 5.44
C ARG B 184 1.67 37.54 6.40
N PRO B 185 0.77 36.64 5.99
CA PRO B 185 -0.24 36.13 6.91
C PRO B 185 0.32 35.01 7.77
N GLU B 186 -0.55 34.41 8.57
CA GLU B 186 -0.17 33.24 9.36
C GLU B 186 -0.47 31.97 8.57
N ALA B 187 0.48 31.03 8.59
CA ALA B 187 0.34 29.81 7.80
C ALA B 187 -0.89 29.00 8.18
N SER B 188 -1.46 29.24 9.36
CA SER B 188 -2.66 28.54 9.80
C SER B 188 -3.94 29.26 9.42
N ASP B 189 -3.85 30.50 8.93
CA ASP B 189 -5.01 31.18 8.38
C ASP B 189 -5.39 30.57 7.05
N ALA B 190 -6.63 30.85 6.64
CA ALA B 190 -7.07 30.47 5.30
C ALA B 190 -6.32 31.30 4.27
N ALA B 191 -5.75 30.62 3.27
CA ALA B 191 -5.09 31.27 2.15
C ALA B 191 -6.07 31.66 1.05
N PHE B 192 -7.13 30.89 0.86
CA PHE B 192 -8.10 31.15 -0.20
C PHE B 192 -9.36 30.34 0.10
N LEU B 193 -10.42 30.62 -0.65
CA LEU B 193 -11.65 29.82 -0.62
C LEU B 193 -11.93 29.29 -2.01
N GLN B 194 -12.40 28.05 -2.09
CA GLN B 194 -12.86 27.48 -3.34
C GLN B 194 -14.24 26.88 -3.14
N LEU B 195 -14.86 26.50 -4.26
CA LEU B 195 -16.21 25.97 -4.27
C LEU B 195 -16.20 24.45 -4.27
N SER B 196 -17.07 23.86 -3.46
CA SER B 196 -17.26 22.42 -3.51
C SER B 196 -18.12 22.06 -4.72
N GLY B 197 -18.09 20.77 -5.07
CA GLY B 197 -18.92 20.30 -6.17
C GLY B 197 -20.38 20.66 -6.01
N GLY B 198 -20.92 20.51 -4.79
CA GLY B 198 -22.31 20.86 -4.56
C GLY B 198 -23.22 19.66 -4.52
N THR B 199 -24.06 19.57 -3.50
CA THR B 199 -25.00 18.48 -3.37
C THR B 199 -26.37 18.92 -2.88
N THR B 200 -26.54 20.17 -2.45
CA THR B 200 -27.78 20.66 -1.90
C THR B 200 -28.25 21.89 -2.66
N GLY B 201 -28.88 22.85 -1.96
CA GLY B 201 -29.41 24.01 -2.65
C GLY B 201 -28.32 24.86 -3.27
N LEU B 202 -27.30 25.21 -2.49
CA LEU B 202 -26.22 26.06 -2.95
C LEU B 202 -24.89 25.43 -2.59
N PRO B 203 -23.87 25.63 -3.42
CA PRO B 203 -22.56 25.04 -3.11
C PRO B 203 -21.95 25.69 -1.89
N LYS B 204 -21.16 24.90 -1.16
CA LYS B 204 -20.47 25.38 0.03
C LYS B 204 -19.07 25.86 -0.35
N LEU B 205 -18.61 26.91 0.33
CA LEU B 205 -17.25 27.41 0.14
C LEU B 205 -16.29 26.65 1.06
N ILE B 206 -15.11 26.37 0.54
CA ILE B 206 -14.11 25.54 1.19
C ILE B 206 -12.91 26.42 1.54
N PRO B 207 -12.61 26.64 2.83
CA PRO B 207 -11.36 27.34 3.18
C PRO B 207 -10.20 26.37 3.26
N ARG B 208 -9.08 26.70 2.60
CA ARG B 208 -7.85 25.93 2.68
C ARG B 208 -6.75 26.84 3.21
N THR B 209 -5.97 26.34 4.16
CA THR B 209 -4.91 27.11 4.81
C THR B 209 -3.60 26.96 4.04
N HIS B 210 -2.67 27.89 4.33
CA HIS B 210 -1.33 27.80 3.76
C HIS B 210 -0.71 26.43 4.06
N ASP B 211 -0.70 26.03 5.32
CA ASP B 211 -0.02 24.80 5.72
C ASP B 211 -0.61 23.57 5.04
N ASP B 212 -1.95 23.42 5.06
CA ASP B 212 -2.52 22.16 4.57
C ASP B 212 -2.46 22.08 3.06
N TYR B 213 -2.72 23.19 2.37
CA TYR B 213 -2.70 23.19 0.90
C TYR B 213 -1.28 23.06 0.39
N LEU B 214 -0.35 23.84 0.93
CA LEU B 214 1.05 23.68 0.53
C LEU B 214 1.54 22.27 0.82
N TYR B 215 1.08 21.65 1.91
CA TYR B 215 1.46 20.25 2.12
C TYR B 215 0.98 19.39 0.95
N SER B 216 -0.30 19.51 0.57
CA SER B 216 -0.77 18.67 -0.53
C SER B 216 0.03 18.95 -1.80
N VAL B 217 0.38 20.21 -2.04
CA VAL B 217 1.14 20.58 -3.24
C VAL B 217 2.53 19.93 -3.23
N ARG B 218 3.28 20.12 -2.14
CA ARG B 218 4.62 19.56 -2.06
C ARG B 218 4.58 18.06 -2.22
N ALA B 219 3.68 17.40 -1.48
CA ALA B 219 3.61 15.95 -1.52
C ALA B 219 3.25 15.45 -2.91
N SER B 220 2.32 16.15 -3.58
CA SER B 220 1.92 15.76 -4.93
C SER B 220 3.05 15.94 -5.93
N ALA B 221 3.78 17.06 -5.83
CA ALA B 221 4.94 17.28 -6.69
C ALA B 221 5.96 16.16 -6.53
N GLU B 222 6.11 15.65 -5.29
CA GLU B 222 7.03 14.53 -5.08
C GLU B 222 6.48 13.23 -5.69
N ILE B 223 5.20 12.94 -5.47
CA ILE B 223 4.59 11.73 -6.04
C ILE B 223 4.70 11.74 -7.56
N CYS B 224 4.55 12.90 -8.18
CA CYS B 224 4.54 13.01 -9.64
C CYS B 224 5.90 13.32 -10.23
N ALA B 225 6.97 13.21 -9.43
CA ALA B 225 8.36 13.36 -9.87
C ALA B 225 8.62 14.66 -10.62
N LEU B 226 8.04 15.76 -10.13
CA LEU B 226 8.26 17.02 -10.82
C LEU B 226 9.66 17.56 -10.52
N GLY B 227 10.10 18.47 -11.38
CA GLY B 227 11.39 19.11 -11.22
C GLY B 227 11.52 20.29 -12.16
N THR B 228 12.76 20.77 -12.31
CA THR B 228 12.97 21.91 -13.20
C THR B 228 12.71 21.55 -14.66
N ASP B 229 12.69 20.26 -14.98
CA ASP B 229 12.41 19.75 -16.33
C ASP B 229 10.92 19.58 -16.61
N THR B 230 10.07 19.77 -15.61
CA THR B 230 8.64 19.63 -15.81
C THR B 230 8.13 20.69 -16.77
N VAL B 231 7.34 20.26 -17.74
CA VAL B 231 6.50 21.15 -18.53
C VAL B 231 5.07 20.65 -18.33
N TYR B 232 4.29 21.40 -17.55
CA TYR B 232 2.94 21.02 -17.18
C TYR B 232 1.94 21.78 -18.05
N LEU B 233 1.03 21.05 -18.69
CA LEU B 233 0.00 21.67 -19.51
C LEU B 233 -1.29 21.77 -18.69
N ALA B 234 -1.72 23.01 -18.45
CA ALA B 234 -3.02 23.27 -17.83
C ALA B 234 -4.08 23.13 -18.91
N ALA B 235 -4.57 21.90 -19.09
CA ALA B 235 -5.63 21.65 -20.07
C ALA B 235 -7.01 21.85 -19.47
N LEU B 236 -7.15 21.72 -18.14
CA LEU B 236 -8.37 22.00 -17.39
C LEU B 236 -8.37 23.43 -16.88
N PRO B 237 -9.54 24.01 -16.56
CA PRO B 237 -9.55 25.34 -15.92
C PRO B 237 -8.59 25.36 -14.73
N ALA B 238 -7.57 26.22 -14.79
CA ALA B 238 -6.38 26.04 -13.95
C ALA B 238 -6.69 26.19 -12.46
N VAL B 239 -7.76 26.92 -12.11
CA VAL B 239 -8.09 27.17 -10.71
C VAL B 239 -8.89 26.08 -10.06
N HIS B 240 -9.35 25.09 -10.82
CA HIS B 240 -9.95 23.93 -10.18
C HIS B 240 -8.87 23.18 -9.41
N ASN B 241 -9.29 22.52 -8.34
CA ASN B 241 -8.34 21.89 -7.41
C ASN B 241 -7.37 20.94 -8.13
N PHE B 242 -7.88 20.19 -9.11
CA PHE B 242 -7.07 19.17 -9.80
C PHE B 242 -5.89 19.79 -10.54
N PRO B 243 -6.09 20.68 -11.51
CA PRO B 243 -4.96 21.32 -12.19
C PRO B 243 -4.30 22.45 -11.39
N MET B 244 -4.84 22.81 -10.23
CA MET B 244 -4.15 23.77 -9.36
C MET B 244 -3.16 23.12 -8.41
N SER B 245 -3.46 21.92 -7.88
CA SER B 245 -2.60 21.37 -6.82
C SER B 245 -2.30 19.88 -6.90
N SER B 246 -2.79 19.13 -7.89
CA SER B 246 -2.71 17.67 -7.88
C SER B 246 -1.96 17.08 -9.09
N PRO B 247 -0.71 17.53 -9.34
CA PRO B 247 0.07 18.52 -8.61
C PRO B 247 -0.16 19.94 -9.14
N GLY B 248 -0.67 20.06 -10.37
CA GLY B 248 -1.12 21.32 -10.92
C GLY B 248 -0.02 22.37 -11.10
N PHE B 249 -0.49 23.60 -11.30
CA PHE B 249 0.46 24.68 -11.54
C PHE B 249 1.23 25.06 -10.28
N LEU B 250 0.62 24.92 -9.10
CA LEU B 250 1.35 25.20 -7.86
C LEU B 250 2.45 24.16 -7.61
N GLY B 251 2.16 22.88 -7.88
CA GLY B 251 3.22 21.89 -7.77
C GLY B 251 4.35 22.15 -8.74
N THR B 252 4.01 22.55 -9.97
CA THR B 252 5.04 22.87 -10.96
C THR B 252 5.90 24.06 -10.53
N PHE B 253 5.27 25.13 -10.05
CA PHE B 253 6.01 26.29 -9.55
C PHE B 253 6.87 25.92 -8.34
N HIS B 254 6.35 25.06 -7.47
CA HIS B 254 7.10 24.58 -6.32
C HIS B 254 8.38 23.92 -6.76
N ALA B 255 8.31 23.11 -7.82
CA ALA B 255 9.47 22.36 -8.30
C ALA B 255 10.32 23.12 -9.32
N GLY B 256 9.91 24.31 -9.73
CA GLY B 256 10.68 25.10 -10.69
C GLY B 256 10.46 24.75 -12.14
N GLY B 257 9.32 24.15 -12.49
CA GLY B 257 9.02 23.78 -13.86
C GLY B 257 8.30 24.90 -14.61
N THR B 258 7.84 24.55 -15.81
CA THR B 258 7.12 25.46 -16.69
C THR B 258 5.65 25.07 -16.74
N VAL B 259 4.78 26.07 -16.61
CA VAL B 259 3.34 25.88 -16.74
C VAL B 259 2.91 26.43 -18.10
N VAL B 260 2.35 25.56 -18.93
CA VAL B 260 1.85 25.95 -20.25
C VAL B 260 0.33 26.01 -20.17
N LEU B 261 -0.24 27.16 -20.56
CA LEU B 261 -1.68 27.36 -20.51
C LEU B 261 -2.34 26.94 -21.82
N ALA B 262 -3.32 26.04 -21.73
CA ALA B 262 -4.15 25.70 -22.88
C ALA B 262 -5.45 26.47 -22.81
N PRO B 263 -5.82 27.24 -23.83
CA PRO B 263 -7.10 27.97 -23.76
C PRO B 263 -8.32 27.06 -23.84
N ASN B 264 -8.19 25.90 -24.46
CA ASN B 264 -9.26 24.90 -24.51
C ASN B 264 -8.61 23.54 -24.61
N PRO B 265 -9.33 22.46 -24.25
CA PRO B 265 -8.73 21.12 -24.23
C PRO B 265 -8.90 20.33 -25.52
N SER B 266 -9.25 20.99 -26.61
CA SER B 266 -9.44 20.27 -27.87
C SER B 266 -8.14 19.59 -28.28
N PRO B 267 -8.22 18.45 -28.96
CA PRO B 267 -7.00 17.80 -29.42
C PRO B 267 -6.11 18.71 -30.25
N ASP B 268 -6.68 19.56 -31.10
CA ASP B 268 -5.85 20.41 -31.94
C ASP B 268 -5.04 21.41 -31.10
N THR B 269 -5.73 22.16 -30.23
CA THR B 269 -5.05 23.13 -29.37
C THR B 269 -4.05 22.45 -28.44
N ALA B 270 -4.51 21.44 -27.70
CA ALA B 270 -3.66 20.80 -26.71
C ALA B 270 -2.47 20.11 -27.35
N PHE B 271 -2.70 19.36 -28.44
CA PHE B 271 -1.61 18.66 -29.10
C PHE B 271 -0.61 19.64 -29.69
N SER B 272 -1.10 20.76 -30.25
CA SER B 272 -0.20 21.80 -30.72
C SER B 272 0.72 22.27 -29.61
N LEU B 273 0.16 22.50 -28.41
CA LEU B 273 0.99 22.97 -27.29
C LEU B 273 1.93 21.87 -26.79
N ILE B 274 1.49 20.62 -26.73
CA ILE B 274 2.37 19.55 -26.28
C ILE B 274 3.55 19.41 -27.24
N GLU B 275 3.26 19.44 -28.53
CA GLU B 275 4.28 19.32 -29.56
C GLU B 275 5.28 20.46 -29.48
N THR B 276 4.78 21.70 -29.40
CA THR B 276 5.63 22.88 -29.43
C THR B 276 6.45 23.02 -28.15
N GLU B 277 5.80 22.89 -26.99
CA GLU B 277 6.42 23.18 -25.70
C GLU B 277 7.02 21.96 -25.02
N ARG B 278 6.92 20.78 -25.63
CA ARG B 278 7.49 19.55 -25.08
C ARG B 278 6.93 19.27 -23.68
N VAL B 279 5.60 19.39 -23.57
CA VAL B 279 4.89 19.08 -22.35
C VAL B 279 5.25 17.68 -21.86
N THR B 280 5.54 17.56 -20.54
CA THR B 280 5.87 16.29 -19.91
C THR B 280 4.73 15.70 -19.10
N ILE B 281 3.80 16.51 -18.62
CA ILE B 281 2.68 16.02 -17.81
C ILE B 281 1.49 16.94 -18.03
N THR B 282 0.29 16.34 -18.04
CA THR B 282 -0.94 17.12 -18.15
C THR B 282 -2.05 16.36 -17.41
N ALA B 283 -3.15 17.06 -17.17
CA ALA B 283 -4.28 16.49 -16.44
C ALA B 283 -5.57 16.78 -17.21
N VAL B 284 -6.40 15.75 -17.37
CA VAL B 284 -7.66 15.85 -18.10
C VAL B 284 -8.75 15.07 -17.36
N VAL B 285 -9.99 15.32 -17.75
CA VAL B 285 -11.14 14.52 -17.32
C VAL B 285 -11.41 13.43 -18.35
N PRO B 286 -12.19 12.40 -18.00
CA PRO B 286 -12.32 11.21 -18.87
C PRO B 286 -12.82 11.55 -20.27
N PRO B 287 -13.81 12.44 -20.43
CA PRO B 287 -14.24 12.75 -21.80
C PRO B 287 -13.12 13.30 -22.68
N ILE B 288 -12.28 14.16 -22.12
CA ILE B 288 -11.16 14.71 -22.89
C ILE B 288 -10.16 13.62 -23.21
N ALA B 289 -9.84 12.76 -22.23
CA ALA B 289 -8.94 11.64 -22.48
C ALA B 289 -9.45 10.78 -23.64
N LEU B 290 -10.75 10.51 -23.68
CA LEU B 290 -11.31 9.70 -24.76
C LEU B 290 -11.20 10.43 -26.10
N GLN B 291 -11.50 11.73 -26.12
CA GLN B 291 -11.30 12.52 -27.34
C GLN B 291 -9.88 12.43 -27.84
N TRP B 292 -8.90 12.57 -26.94
CA TRP B 292 -7.50 12.53 -27.32
C TRP B 292 -7.11 11.15 -27.85
N LEU B 293 -7.55 10.09 -27.16
CA LEU B 293 -7.24 8.74 -27.60
C LEU B 293 -7.79 8.48 -29.00
N ASP B 294 -9.02 8.91 -29.26
CA ASP B 294 -9.63 8.66 -30.56
C ASP B 294 -8.99 9.52 -31.65
N ALA B 295 -8.60 10.75 -31.31
CA ALA B 295 -7.87 11.59 -32.25
C ALA B 295 -6.56 10.94 -32.69
N VAL B 296 -5.83 10.35 -31.74
CA VAL B 296 -4.55 9.76 -32.12
C VAL B 296 -4.74 8.41 -32.78
N GLU B 297 -5.65 7.58 -32.26
CA GLU B 297 -5.78 6.23 -32.78
C GLU B 297 -6.41 6.21 -34.17
N HIS B 298 -7.38 7.08 -34.44
CA HIS B 298 -8.16 6.93 -35.67
C HIS B 298 -7.82 7.96 -36.75
N GLY B 299 -6.72 8.70 -36.60
CA GLY B 299 -6.10 9.36 -37.73
C GLY B 299 -6.21 10.87 -37.78
N SER B 300 -7.09 11.50 -37.00
CA SER B 300 -7.24 12.95 -37.14
C SER B 300 -6.01 13.70 -36.61
N GLN B 301 -5.33 13.18 -35.59
CA GLN B 301 -4.18 13.88 -35.01
C GLN B 301 -2.99 12.95 -34.81
N SER B 302 -2.96 11.81 -35.50
CA SER B 302 -1.88 10.83 -35.35
C SER B 302 -0.52 11.40 -35.72
N HIS B 303 -0.49 12.51 -36.47
CA HIS B 303 0.76 13.10 -36.94
C HIS B 303 1.40 14.03 -35.92
N ARG B 304 0.73 14.31 -34.81
CA ARG B 304 1.27 15.20 -33.78
C ARG B 304 2.27 14.47 -32.90
N ASP B 305 3.40 15.12 -32.63
CA ASP B 305 4.46 14.52 -31.82
C ASP B 305 4.13 14.72 -30.35
N LEU B 306 3.67 13.66 -29.69
CA LEU B 306 3.38 13.68 -28.26
C LEU B 306 4.43 12.95 -27.45
N SER B 307 5.63 12.73 -28.03
CA SER B 307 6.62 11.86 -27.39
C SER B 307 7.18 12.45 -26.10
N SER B 308 7.10 13.77 -25.91
CA SER B 308 7.58 14.37 -24.67
C SER B 308 6.68 14.03 -23.48
N LEU B 309 5.42 13.72 -23.73
CA LEU B 309 4.47 13.48 -22.65
C LEU B 309 4.85 12.23 -21.88
N ARG B 310 5.11 12.37 -20.58
CA ARG B 310 5.46 11.24 -19.75
C ARG B 310 4.28 10.69 -18.98
N VAL B 311 3.40 11.57 -18.52
CA VAL B 311 2.31 11.24 -17.63
C VAL B 311 1.04 11.90 -18.14
N LEU B 312 -0.02 11.12 -18.33
CA LEU B 312 -1.35 11.64 -18.60
C LEU B 312 -2.21 11.39 -17.37
N GLN B 313 -2.53 12.45 -16.62
CA GLN B 313 -3.39 12.30 -15.46
C GLN B 313 -4.84 12.37 -15.89
N VAL B 314 -5.65 11.42 -15.42
CA VAL B 314 -7.08 11.40 -15.66
C VAL B 314 -7.78 11.34 -14.31
N GLY B 315 -8.70 12.27 -14.08
CA GLY B 315 -9.45 12.28 -12.83
C GLY B 315 -10.69 13.12 -12.95
N GLY B 316 -11.36 13.32 -11.81
CA GLY B 316 -12.57 14.11 -11.74
C GLY B 316 -13.84 13.31 -11.93
N ALA B 317 -13.77 12.14 -12.56
CA ALA B 317 -14.89 11.24 -12.75
C ALA B 317 -14.31 9.86 -13.03
N LYS B 318 -15.18 8.85 -13.03
CA LYS B 318 -14.72 7.48 -13.22
C LYS B 318 -14.19 7.26 -14.64
N PHE B 319 -13.00 6.67 -14.74
CA PHE B 319 -12.36 6.31 -16.00
C PHE B 319 -12.38 4.78 -16.12
N ALA B 320 -13.08 4.27 -17.14
CA ALA B 320 -13.30 2.82 -17.21
C ALA B 320 -11.99 2.10 -17.50
N PRO B 321 -11.77 0.93 -16.90
CA PRO B 321 -10.53 0.17 -17.18
C PRO B 321 -10.30 -0.08 -18.67
N GLU B 322 -11.38 -0.31 -19.42
CA GLU B 322 -11.25 -0.50 -20.86
C GLU B 322 -10.60 0.70 -21.51
N ALA B 323 -11.00 1.91 -21.11
CA ALA B 323 -10.37 3.13 -21.62
C ALA B 323 -8.97 3.31 -21.06
N ALA B 324 -8.80 3.10 -19.75
CA ALA B 324 -7.49 3.28 -19.14
C ALA B 324 -6.43 2.41 -19.82
N ARG B 325 -6.82 1.21 -20.26
CA ARG B 325 -5.89 0.30 -20.91
C ARG B 325 -5.41 0.78 -22.27
N ARG B 326 -6.05 1.79 -22.85
CA ARG B 326 -5.64 2.34 -24.13
C ARG B 326 -4.55 3.41 -24.02
N VAL B 327 -4.37 4.00 -22.84
CA VAL B 327 -3.53 5.20 -22.74
C VAL B 327 -2.13 4.92 -23.23
N ARG B 328 -1.43 3.95 -22.63
CA ARG B 328 -0.07 3.72 -23.07
C ARG B 328 -0.03 3.20 -24.49
N PRO B 329 -0.84 2.20 -24.90
CA PRO B 329 -0.75 1.71 -26.29
C PRO B 329 -1.04 2.77 -27.36
N VAL B 330 -1.95 3.70 -27.11
CA VAL B 330 -2.27 4.70 -28.12
C VAL B 330 -1.31 5.88 -28.08
N LEU B 331 -1.01 6.37 -26.87
CA LEU B 331 -0.28 7.63 -26.69
C LEU B 331 1.19 7.43 -26.31
N GLY B 332 1.55 6.27 -25.75
CA GLY B 332 2.92 6.00 -25.38
C GLY B 332 3.34 6.48 -24.01
N CYS B 333 2.42 7.09 -23.24
CA CYS B 333 2.74 7.64 -21.93
C CYS B 333 2.15 6.79 -20.82
N THR B 334 2.50 7.14 -19.59
CA THR B 334 2.00 6.47 -18.40
C THR B 334 0.72 7.16 -17.90
N LEU B 335 -0.32 6.38 -17.70
CA LEU B 335 -1.54 6.89 -17.09
C LEU B 335 -1.34 7.06 -15.59
N GLN B 336 -1.92 8.11 -15.03
CA GLN B 336 -2.06 8.22 -13.58
C GLN B 336 -3.51 8.60 -13.29
N GLN B 337 -4.21 7.72 -12.60
CA GLN B 337 -5.56 8.03 -12.14
C GLN B 337 -5.48 8.86 -10.86
N VAL B 338 -6.29 9.91 -10.78
CA VAL B 338 -6.29 10.83 -9.65
C VAL B 338 -7.72 10.98 -9.18
N PHE B 339 -8.02 10.48 -7.98
CA PHE B 339 -9.33 10.60 -7.36
C PHE B 339 -9.17 11.52 -6.15
N GLY B 340 -9.61 12.76 -6.28
CA GLY B 340 -9.46 13.74 -5.22
C GLY B 340 -10.72 14.57 -5.07
N MET B 341 -10.67 15.49 -4.11
CA MET B 341 -11.82 16.36 -3.91
C MET B 341 -11.34 17.69 -3.35
N ALA B 342 -12.07 18.75 -3.68
CA ALA B 342 -11.70 20.09 -3.22
C ALA B 342 -11.69 20.20 -1.70
N GLU B 343 -12.41 19.30 -1.01
CA GLU B 343 -12.44 19.31 0.46
C GLU B 343 -11.17 18.72 1.07
N GLY B 344 -10.36 18.03 0.29
CA GLY B 344 -9.14 17.48 0.84
C GLY B 344 -8.58 16.29 0.11
N LEU B 345 -8.83 15.09 0.64
CA LEU B 345 -8.20 13.85 0.21
C LEU B 345 -7.99 13.78 -1.30
N VAL B 346 -6.76 13.43 -1.69
CA VAL B 346 -6.39 13.15 -3.07
C VAL B 346 -5.69 11.79 -3.11
N ASN B 347 -6.08 10.97 -4.07
CA ASN B 347 -5.55 9.64 -4.30
C ASN B 347 -4.90 9.59 -5.67
N TYR B 348 -3.73 8.95 -5.74
CA TYR B 348 -2.96 8.80 -6.97
C TYR B 348 -2.56 7.35 -7.15
N THR B 349 -2.69 6.83 -8.35
CA THR B 349 -1.87 5.68 -8.69
C THR B 349 -0.44 6.18 -8.82
N ARG B 350 0.52 5.35 -8.42
CA ARG B 350 1.90 5.77 -8.45
C ARG B 350 2.48 5.55 -9.85
N LEU B 351 3.51 6.31 -10.17
CA LEU B 351 4.04 6.26 -11.52
C LEU B 351 4.78 4.96 -11.80
N ASP B 352 5.16 4.22 -10.76
CA ASP B 352 5.78 2.92 -10.92
C ASP B 352 4.88 1.76 -10.45
N ASP B 353 3.58 2.02 -10.27
CA ASP B 353 2.63 0.93 -10.06
C ASP B 353 2.50 0.10 -11.33
N PRO B 354 2.20 -1.19 -11.21
CA PRO B 354 1.97 -2.01 -12.41
C PRO B 354 0.74 -1.53 -13.17
N ASP B 355 0.72 -1.76 -14.48
CA ASP B 355 -0.38 -1.20 -15.27
C ASP B 355 -1.71 -1.82 -14.87
N ASP B 356 -1.73 -3.05 -14.34
CA ASP B 356 -2.99 -3.62 -13.91
C ASP B 356 -3.58 -2.88 -12.71
N ILE B 357 -2.73 -2.27 -11.88
CA ILE B 357 -3.21 -1.41 -10.81
C ILE B 357 -3.54 -0.02 -11.33
N ILE B 358 -2.69 0.51 -12.21
CA ILE B 358 -2.94 1.84 -12.78
C ILE B 358 -4.27 1.86 -13.53
N THR B 359 -4.58 0.79 -14.28
CA THR B 359 -5.76 0.81 -15.13
C THR B 359 -7.03 0.37 -14.43
N THR B 360 -6.94 -0.17 -13.21
CA THR B 360 -8.12 -0.67 -12.50
C THR B 360 -8.38 -0.03 -11.14
N THR B 361 -7.60 0.96 -10.73
CA THR B 361 -7.87 1.62 -9.46
C THR B 361 -7.74 3.13 -9.63
N GLN B 362 -8.31 3.85 -8.67
CA GLN B 362 -8.21 5.30 -8.64
C GLN B 362 -7.20 5.80 -7.61
N GLY B 363 -6.27 4.94 -7.19
CA GLY B 363 -5.09 5.35 -6.44
C GLY B 363 -5.23 5.15 -4.93
N ARG B 364 -4.15 5.51 -4.24
CA ARG B 364 -4.10 5.53 -2.78
C ARG B 364 -3.67 6.91 -2.29
N PRO B 365 -3.95 7.23 -1.02
CA PRO B 365 -3.85 8.62 -0.57
C PRO B 365 -2.43 9.19 -0.59
N ILE B 366 -2.36 10.52 -0.64
CA ILE B 366 -1.07 11.24 -0.57
C ILE B 366 -0.33 10.89 0.71
N SER B 367 -1.00 10.99 1.86
CA SER B 367 -0.35 11.11 3.16
C SER B 367 -0.44 9.82 3.96
N PRO B 368 0.63 9.46 4.66
CA PRO B 368 0.53 8.35 5.63
C PRO B 368 -0.51 8.62 6.70
N ASP B 369 -0.87 9.88 6.93
CA ASP B 369 -1.86 10.25 7.92
C ASP B 369 -3.22 10.54 7.30
N ASP B 370 -3.43 10.16 6.04
CA ASP B 370 -4.77 10.17 5.46
C ASP B 370 -5.51 8.95 6.01
N GLU B 371 -6.47 9.21 6.86
CA GLU B 371 -7.26 8.17 7.49
C GLU B 371 -8.46 7.85 6.59
N ILE B 372 -8.54 6.59 6.19
CA ILE B 372 -9.56 6.08 5.29
C ILE B 372 -10.44 5.14 6.09
N ARG B 373 -11.73 5.47 6.20
CA ARG B 373 -12.71 4.61 6.84
C ARG B 373 -13.84 4.37 5.86
N ILE B 374 -14.07 3.10 5.50
CA ILE B 374 -15.16 2.73 4.61
C ILE B 374 -16.21 2.00 5.44
N VAL B 375 -17.42 2.56 5.50
CA VAL B 375 -18.41 2.17 6.50
C VAL B 375 -19.73 1.82 5.83
N ASP B 376 -20.55 1.04 6.54
CA ASP B 376 -21.87 0.71 6.06
C ASP B 376 -22.85 1.80 6.45
N GLU B 377 -24.15 1.51 6.34
CA GLU B 377 -25.20 2.48 6.66
C GLU B 377 -25.23 2.88 8.14
N ALA B 378 -24.56 2.14 9.02
CA ALA B 378 -24.49 2.46 10.44
C ALA B 378 -23.06 2.80 10.87
N ASP B 379 -22.26 3.33 9.94
CA ASP B 379 -20.90 3.79 10.25
C ASP B 379 -20.02 2.68 10.81
N ARG B 380 -20.32 1.42 10.47
CA ARG B 380 -19.41 0.38 10.90
C ARG B 380 -18.49 -0.02 9.76
N PRO B 381 -17.19 -0.13 10.01
CA PRO B 381 -16.26 -0.49 8.93
C PRO B 381 -16.64 -1.80 8.27
N VAL B 382 -16.83 -1.77 6.95
CA VAL B 382 -17.17 -2.96 6.19
C VAL B 382 -15.98 -3.90 6.21
N PRO B 383 -16.15 -5.19 5.92
CA PRO B 383 -14.98 -6.05 5.75
C PRO B 383 -14.10 -5.52 4.62
N ASP B 384 -12.79 -5.49 4.87
CA ASP B 384 -11.87 -4.91 3.90
C ASP B 384 -12.03 -5.58 2.54
N GLY B 385 -12.26 -4.78 1.51
CA GLY B 385 -12.51 -5.26 0.17
C GLY B 385 -13.94 -5.05 -0.30
N GLU B 386 -14.86 -4.82 0.63
CA GLU B 386 -16.26 -4.60 0.29
C GLU B 386 -16.52 -3.12 0.04
N VAL B 387 -17.58 -2.85 -0.67
CA VAL B 387 -17.94 -1.48 -1.00
C VAL B 387 -18.66 -0.85 0.18
N GLY B 388 -18.31 0.41 0.47
CA GLY B 388 -19.00 1.18 1.50
C GLY B 388 -18.81 2.67 1.30
N HIS B 389 -19.39 3.44 2.22
CA HIS B 389 -19.24 4.88 2.22
C HIS B 389 -17.83 5.28 2.61
N LEU B 390 -17.28 6.27 1.90
CA LEU B 390 -15.95 6.77 2.19
C LEU B 390 -16.02 7.93 3.18
N LEU B 391 -15.35 7.78 4.31
CA LEU B 391 -15.08 8.87 5.24
C LEU B 391 -13.57 9.02 5.32
N THR B 392 -13.10 10.26 5.46
CA THR B 392 -11.66 10.48 5.51
C THR B 392 -11.34 11.61 6.46
N ARG B 393 -10.11 11.58 6.99
CA ARG B 393 -9.64 12.63 7.89
C ARG B 393 -8.13 12.70 7.73
N GLY B 394 -7.58 13.91 7.63
CA GLY B 394 -6.15 14.03 7.42
C GLY B 394 -5.58 15.43 7.46
N PRO B 395 -4.28 15.54 7.17
CA PRO B 395 -3.58 16.83 7.31
C PRO B 395 -3.88 17.85 6.23
N TYR B 396 -4.69 17.52 5.23
CA TYR B 396 -5.14 18.54 4.28
C TYR B 396 -6.61 18.36 3.92
N THR B 397 -7.39 17.72 4.79
CA THR B 397 -8.83 17.59 4.62
C THR B 397 -9.53 18.48 5.64
N ILE B 398 -10.41 19.36 5.16
CA ILE B 398 -11.03 20.35 6.05
C ILE B 398 -11.84 19.67 7.15
N ARG B 399 -12.09 20.43 8.23
CA ARG B 399 -12.94 20.00 9.33
C ARG B 399 -14.32 20.64 9.31
N GLY B 400 -14.52 21.62 8.43
CA GLY B 400 -15.83 22.23 8.25
C GLY B 400 -15.87 23.14 7.04
N TYR B 401 -17.06 23.36 6.48
CA TYR B 401 -17.18 24.36 5.43
C TYR B 401 -17.21 25.75 6.03
N TYR B 402 -17.07 26.74 5.16
CA TYR B 402 -17.05 28.12 5.59
C TYR B 402 -18.47 28.60 5.83
N ARG B 403 -18.77 29.01 7.06
CA ARG B 403 -20.07 29.58 7.42
C ARG B 403 -21.22 28.68 6.96
N ALA B 404 -21.17 27.43 7.42
CA ALA B 404 -22.16 26.42 7.04
C ALA B 404 -22.37 25.50 8.23
N GLU B 405 -22.70 26.08 9.38
CA GLU B 405 -22.82 25.33 10.62
C GLU B 405 -23.80 24.16 10.47
N GLU B 406 -24.97 24.43 9.89
CA GLU B 406 -25.97 23.38 9.76
C GLU B 406 -25.49 22.27 8.84
N HIS B 407 -25.05 22.62 7.63
CA HIS B 407 -24.52 21.62 6.71
C HIS B 407 -23.33 20.89 7.30
N ASN B 408 -22.48 21.61 8.05
CA ASN B 408 -21.37 20.97 8.73
C ASN B 408 -21.84 19.91 9.72
N ALA B 409 -23.02 20.11 10.31
CA ALA B 409 -23.54 19.13 11.26
C ALA B 409 -23.71 17.76 10.64
N THR B 410 -24.06 17.70 9.37
CA THR B 410 -24.28 16.42 8.70
C THR B 410 -23.11 15.97 7.84
N ALA B 411 -22.28 16.89 7.35
CA ALA B 411 -21.18 16.54 6.45
C ALA B 411 -19.99 15.92 7.18
N PHE B 412 -19.85 16.15 8.48
CA PHE B 412 -18.72 15.66 9.25
C PHE B 412 -19.22 14.89 10.46
N THR B 413 -18.50 13.84 10.84
CA THR B 413 -18.86 13.11 12.04
C THR B 413 -18.42 13.91 13.26
N PRO B 414 -18.92 13.53 14.44
CA PRO B 414 -18.48 14.20 15.67
C PRO B 414 -16.96 14.27 15.83
N ASP B 415 -16.23 13.20 15.49
CA ASP B 415 -14.78 13.18 15.64
C ASP B 415 -14.02 13.71 14.42
N GLY B 416 -14.71 14.31 13.46
CA GLY B 416 -14.06 15.08 12.43
C GLY B 416 -13.78 14.37 11.11
N PHE B 417 -14.43 13.23 10.84
CA PHE B 417 -14.32 12.56 9.55
C PHE B 417 -15.25 13.23 8.56
N TYR B 418 -14.72 13.56 7.38
CA TYR B 418 -15.51 14.13 6.30
C TYR B 418 -16.21 13.03 5.51
N ARG B 419 -17.50 13.22 5.26
CA ARG B 419 -18.31 12.27 4.51
C ARG B 419 -18.21 12.62 3.02
N THR B 420 -17.40 11.86 2.28
CA THR B 420 -17.16 12.19 0.88
C THR B 420 -18.40 12.00 0.01
N GLY B 421 -19.32 11.13 0.42
CA GLY B 421 -20.44 10.80 -0.44
C GLY B 421 -20.09 9.83 -1.55
N ASP B 422 -18.90 9.26 -1.52
CA ASP B 422 -18.47 8.30 -2.52
C ASP B 422 -18.58 6.89 -1.97
N LEU B 423 -18.95 5.97 -2.85
CA LEU B 423 -18.93 4.55 -2.56
C LEU B 423 -17.69 3.96 -3.20
N VAL B 424 -16.85 3.33 -2.38
CA VAL B 424 -15.56 2.81 -2.82
C VAL B 424 -15.28 1.50 -2.10
N ARG B 425 -14.40 0.71 -2.70
CA ARG B 425 -13.79 -0.44 -2.05
C ARG B 425 -12.28 -0.25 -2.01
N ARG B 426 -11.64 -0.90 -1.04
CA ARG B 426 -10.21 -0.79 -0.83
C ARG B 426 -9.53 -2.11 -1.18
N THR B 427 -8.39 -2.02 -1.88
CA THR B 427 -7.63 -3.20 -2.25
C THR B 427 -6.59 -3.51 -1.19
N PRO B 428 -5.95 -4.68 -1.26
CA PRO B 428 -4.99 -5.05 -0.20
C PRO B 428 -3.79 -4.14 -0.10
N THR B 429 -3.44 -3.41 -1.17
CA THR B 429 -2.34 -2.47 -1.16
C THR B 429 -2.77 -1.05 -0.81
N GLY B 430 -4.03 -0.85 -0.46
CA GLY B 430 -4.52 0.45 -0.05
C GLY B 430 -5.13 1.29 -1.16
N HIS B 431 -5.06 0.83 -2.41
CA HIS B 431 -5.67 1.56 -3.50
C HIS B 431 -7.19 1.51 -3.39
N LEU B 432 -7.83 2.57 -3.84
CA LEU B 432 -9.28 2.71 -3.78
C LEU B 432 -9.87 2.55 -5.18
N VAL B 433 -11.00 1.85 -5.25
CA VAL B 433 -11.76 1.73 -6.49
C VAL B 433 -13.09 2.43 -6.25
N VAL B 434 -13.37 3.47 -7.03
CA VAL B 434 -14.64 4.19 -6.90
C VAL B 434 -15.73 3.38 -7.59
N GLU B 435 -16.76 3.02 -6.83
CA GLU B 435 -17.81 2.15 -7.34
C GLU B 435 -19.18 2.82 -7.43
N GLY B 436 -19.36 3.97 -6.80
CA GLY B 436 -20.61 4.69 -6.94
C GLY B 436 -20.63 5.93 -6.10
N ARG B 437 -21.83 6.47 -5.87
CA ARG B 437 -21.97 7.65 -5.04
C ARG B 437 -23.28 7.58 -4.27
N ALA B 438 -23.27 8.19 -3.08
CA ALA B 438 -24.48 8.33 -2.28
C ALA B 438 -25.05 9.74 -2.33
N LYS B 439 -24.23 10.76 -2.59
CA LYS B 439 -24.70 12.13 -2.71
C LYS B 439 -25.48 12.33 -4.00
N ASP B 440 -26.50 13.20 -3.93
CA ASP B 440 -27.36 13.50 -5.09
C ASP B 440 -26.66 14.52 -5.98
N GLN B 441 -25.59 14.06 -6.62
CA GLN B 441 -24.72 14.89 -7.43
C GLN B 441 -24.42 14.14 -8.72
N ILE B 442 -24.93 14.67 -9.84
CA ILE B 442 -24.64 14.12 -11.15
C ILE B 442 -23.23 14.52 -11.56
N ASN B 443 -22.44 13.56 -12.03
CA ASN B 443 -21.07 13.84 -12.42
C ASN B 443 -21.01 13.77 -13.95
N ARG B 444 -21.13 14.94 -14.58
CA ARG B 444 -21.15 15.08 -16.04
C ARG B 444 -19.73 15.31 -16.52
N GLY B 445 -19.02 14.21 -16.80
CA GLY B 445 -17.66 14.29 -17.31
C GLY B 445 -16.73 15.12 -16.44
N GLY B 446 -16.88 15.03 -15.13
CA GLY B 446 -16.10 15.80 -14.20
C GLY B 446 -16.80 17.02 -13.63
N GLU B 447 -17.82 17.54 -14.31
CA GLU B 447 -18.54 18.70 -13.82
C GLU B 447 -19.71 18.26 -12.96
N LYS B 448 -19.76 18.73 -11.72
CA LYS B 448 -20.72 18.25 -10.74
C LYS B 448 -21.98 19.12 -10.75
N VAL B 449 -23.14 18.47 -10.84
CA VAL B 449 -24.41 19.15 -10.91
C VAL B 449 -25.31 18.61 -9.79
N SER B 450 -25.71 19.49 -8.88
CA SER B 450 -26.67 19.12 -7.84
C SER B 450 -28.05 19.04 -8.45
N ALA B 451 -28.69 17.88 -8.36
CA ALA B 451 -30.04 17.75 -8.90
C ALA B 451 -31.00 18.68 -8.19
N GLU B 452 -30.85 18.82 -6.87
CA GLU B 452 -31.71 19.73 -6.12
C GLU B 452 -31.66 21.15 -6.68
N GLU B 453 -30.45 21.67 -6.91
CA GLU B 453 -30.32 23.05 -7.38
C GLU B 453 -31.02 23.27 -8.72
N VAL B 454 -30.79 22.37 -9.68
CA VAL B 454 -31.41 22.49 -10.99
C VAL B 454 -32.92 22.36 -10.88
N GLU B 455 -33.39 21.39 -10.11
CA GLU B 455 -34.82 21.25 -9.88
C GLU B 455 -35.41 22.56 -9.37
N ASN B 456 -34.75 23.18 -8.39
CA ASN B 456 -35.29 24.40 -7.81
C ASN B 456 -35.34 25.53 -8.82
N HIS B 457 -34.35 25.62 -9.71
CA HIS B 457 -34.44 26.65 -10.75
C HIS B 457 -35.58 26.35 -11.71
N ILE B 458 -35.79 25.07 -12.04
CA ILE B 458 -36.89 24.72 -12.94
C ILE B 458 -38.24 25.03 -12.30
N LEU B 459 -38.35 24.81 -10.99
CA LEU B 459 -39.60 25.05 -10.28
C LEU B 459 -39.91 26.54 -10.20
N ALA B 460 -38.89 27.39 -10.29
CA ALA B 460 -39.12 28.83 -10.27
C ALA B 460 -39.89 29.29 -11.49
N HIS B 461 -39.89 28.50 -12.55
CA HIS B 461 -40.63 28.85 -13.75
C HIS B 461 -42.13 28.83 -13.44
N PRO B 462 -42.88 29.87 -13.83
CA PRO B 462 -44.29 29.93 -13.43
C PRO B 462 -45.13 28.76 -13.94
N ALA B 463 -44.84 28.23 -15.13
CA ALA B 463 -45.65 27.16 -15.69
C ALA B 463 -45.33 25.79 -15.12
N VAL B 464 -44.30 25.66 -14.28
CA VAL B 464 -43.84 24.37 -13.82
C VAL B 464 -44.54 24.02 -12.52
N HIS B 465 -45.12 22.83 -12.46
CA HIS B 465 -45.70 22.33 -11.23
C HIS B 465 -44.72 21.49 -10.43
N ASP B 466 -43.92 20.64 -11.08
CA ASP B 466 -42.97 19.79 -10.37
C ASP B 466 -41.85 19.41 -11.32
N ALA B 467 -40.73 18.95 -10.75
CA ALA B 467 -39.60 18.53 -11.57
C ALA B 467 -38.71 17.56 -10.79
N ALA B 468 -38.02 16.70 -11.53
CA ALA B 468 -37.00 15.82 -10.96
C ALA B 468 -35.82 15.77 -11.92
N VAL B 469 -34.62 15.98 -11.40
CA VAL B 469 -33.42 16.00 -12.23
C VAL B 469 -32.58 14.78 -11.86
N VAL B 470 -32.28 13.95 -12.87
CA VAL B 470 -31.55 12.71 -12.65
C VAL B 470 -30.45 12.59 -13.69
N GLY B 471 -29.45 11.79 -13.35
CA GLY B 471 -28.40 11.45 -14.29
C GLY B 471 -28.83 10.27 -15.15
N MET B 472 -28.56 10.37 -16.43
CA MET B 472 -28.75 9.25 -17.35
C MET B 472 -27.39 8.79 -17.85
N SER B 473 -27.13 7.49 -17.70
CA SER B 473 -25.85 6.92 -18.05
C SER B 473 -25.42 7.37 -19.44
N ASP B 474 -24.13 7.63 -19.60
CA ASP B 474 -23.61 8.09 -20.85
C ASP B 474 -22.23 7.45 -20.96
N PRO B 475 -21.92 6.81 -22.10
CA PRO B 475 -20.64 6.08 -22.20
C PRO B 475 -19.40 6.98 -22.18
N TYR B 476 -19.55 8.29 -22.32
CA TYR B 476 -18.42 9.19 -22.39
C TYR B 476 -18.38 10.22 -21.28
N LEU B 477 -19.54 10.79 -20.92
CA LEU B 477 -19.63 11.69 -19.80
C LEU B 477 -19.96 10.99 -18.49
N GLY B 478 -20.25 9.69 -18.53
CA GLY B 478 -20.68 8.97 -17.34
C GLY B 478 -22.14 9.22 -17.09
N GLU B 479 -22.53 10.49 -16.99
CA GLU B 479 -23.92 10.88 -16.86
C GLU B 479 -24.17 12.13 -17.68
N ARG B 480 -25.37 12.21 -18.24
CA ARG B 480 -25.94 13.45 -18.72
C ARG B 480 -27.07 13.86 -17.79
N VAL B 481 -27.43 15.13 -17.85
CA VAL B 481 -28.43 15.72 -16.97
C VAL B 481 -29.79 15.65 -17.67
N CYS B 482 -30.72 14.90 -17.09
CA CYS B 482 -32.07 14.75 -17.62
C CYS B 482 -33.06 15.34 -16.63
N ALA B 483 -33.99 16.16 -17.11
CA ALA B 483 -35.00 16.78 -16.26
C ALA B 483 -36.39 16.30 -16.68
N TYR B 484 -37.09 15.63 -15.78
CA TYR B 484 -38.52 15.35 -15.91
C TYR B 484 -39.31 16.53 -15.36
N VAL B 485 -40.19 17.10 -16.17
CA VAL B 485 -40.92 18.31 -15.82
C VAL B 485 -42.41 18.05 -15.94
N ILE B 486 -43.14 18.36 -14.87
CA ILE B 486 -44.60 18.36 -14.87
C ILE B 486 -45.05 19.81 -14.87
N ALA B 487 -45.72 20.20 -15.96
CA ALA B 487 -46.28 21.54 -16.12
C ALA B 487 -47.63 21.39 -16.80
N ARG B 488 -48.69 21.78 -16.11
CA ARG B 488 -50.03 21.65 -16.67
C ARG B 488 -50.33 22.83 -17.58
N THR B 489 -51.58 22.92 -18.03
CA THR B 489 -52.07 24.04 -18.81
C THR B 489 -51.18 24.31 -20.03
N GLU B 490 -50.59 25.51 -20.09
CA GLU B 490 -49.72 25.86 -21.20
C GLU B 490 -48.26 25.71 -20.81
N PRO B 491 -47.65 24.55 -21.02
CA PRO B 491 -46.25 24.36 -20.64
C PRO B 491 -45.33 25.03 -21.63
N PRO B 492 -44.09 25.33 -21.23
CA PRO B 492 -43.12 25.88 -22.17
C PRO B 492 -42.50 24.80 -23.03
N SER B 493 -42.00 25.23 -24.19
CA SER B 493 -41.24 24.31 -25.02
C SER B 493 -39.89 24.02 -24.37
N ARG B 494 -39.27 22.93 -24.80
CA ARG B 494 -37.95 22.61 -24.28
C ARG B 494 -37.02 23.80 -24.42
N SER B 495 -36.96 24.37 -25.61
CA SER B 495 -36.08 25.51 -25.87
C SER B 495 -36.37 26.67 -24.94
N GLU B 496 -37.65 26.94 -24.66
CA GLU B 496 -38.00 28.09 -23.84
C GLU B 496 -37.67 27.84 -22.37
N LEU B 497 -37.81 26.60 -21.91
CA LEU B 497 -37.39 26.27 -20.55
C LEU B 497 -35.88 26.43 -20.41
N LEU B 498 -35.11 25.93 -21.39
CA LEU B 498 -33.66 26.08 -21.33
C LEU B 498 -33.26 27.55 -21.36
N ARG B 499 -33.91 28.36 -22.20
CA ARG B 499 -33.65 29.80 -22.17
C ARG B 499 -33.95 30.38 -20.80
N PHE B 500 -35.05 29.96 -20.18
CA PHE B 500 -35.38 30.44 -18.84
C PHE B 500 -34.25 30.13 -17.86
N LEU B 501 -33.74 28.89 -17.90
CA LEU B 501 -32.65 28.54 -16.99
C LEU B 501 -31.40 29.37 -17.25
N ARG B 502 -31.09 29.62 -18.53
CA ARG B 502 -29.93 30.45 -18.84
C ARG B 502 -30.09 31.86 -18.27
N GLU B 503 -31.30 32.42 -18.36
CA GLU B 503 -31.54 33.76 -17.83
C GLU B 503 -31.49 33.80 -16.30
N ARG B 504 -31.65 32.65 -15.63
CA ARG B 504 -31.52 32.62 -14.18
C ARG B 504 -30.08 32.75 -13.72
N GLY B 505 -29.11 32.64 -14.64
CA GLY B 505 -27.71 32.72 -14.26
C GLY B 505 -27.09 31.42 -13.85
N LEU B 506 -27.59 30.30 -14.37
CA LEU B 506 -27.04 29.00 -14.03
C LEU B 506 -25.77 28.74 -14.81
N ALA B 507 -24.83 28.04 -14.18
CA ALA B 507 -23.63 27.59 -14.87
C ALA B 507 -24.02 26.77 -16.09
N SER B 508 -23.32 27.01 -17.21
CA SER B 508 -23.65 26.35 -18.47
C SER B 508 -23.78 24.83 -18.31
N TYR B 509 -22.87 24.18 -17.57
CA TYR B 509 -22.93 22.73 -17.44
C TYR B 509 -24.09 22.25 -16.57
N LYS B 510 -24.87 23.14 -15.98
CA LYS B 510 -26.02 22.76 -15.19
C LYS B 510 -27.32 22.71 -15.99
N ILE B 511 -27.33 23.29 -17.19
CA ILE B 511 -28.52 23.24 -18.04
C ILE B 511 -28.74 21.79 -18.49
N PRO B 512 -29.94 21.24 -18.31
CA PRO B 512 -30.16 19.82 -18.63
C PRO B 512 -29.85 19.49 -20.09
N ASP B 513 -29.19 18.35 -20.27
CA ASP B 513 -28.98 17.81 -21.61
C ASP B 513 -30.28 17.35 -22.24
N ARG B 514 -31.21 16.85 -21.41
CA ARG B 514 -32.47 16.33 -21.89
C ARG B 514 -33.60 16.88 -21.04
N VAL B 515 -34.70 17.23 -21.68
CA VAL B 515 -35.90 17.71 -20.99
C VAL B 515 -37.07 16.82 -21.40
N GLU B 516 -37.75 16.25 -20.42
CA GLU B 516 -38.82 15.29 -20.64
C GLU B 516 -40.07 15.81 -19.94
N PHE B 517 -41.01 16.35 -20.72
CA PHE B 517 -42.28 16.80 -20.16
C PHE B 517 -43.20 15.60 -19.96
N VAL B 518 -43.73 15.44 -18.74
CA VAL B 518 -44.60 14.32 -18.42
C VAL B 518 -45.79 14.83 -17.61
N ASP B 519 -46.87 14.05 -17.65
CA ASP B 519 -48.03 14.33 -16.81
C ASP B 519 -47.78 13.91 -15.37
N ARG B 520 -47.03 12.84 -15.18
CA ARG B 520 -46.59 12.39 -13.86
C ARG B 520 -45.30 11.60 -14.03
N PHE B 521 -44.52 11.53 -12.96
CA PHE B 521 -43.23 10.85 -13.04
C PHE B 521 -43.43 9.37 -13.35
N PRO B 522 -42.79 8.84 -14.38
CA PRO B 522 -43.02 7.45 -14.76
C PRO B 522 -42.45 6.46 -13.76
N VAL B 523 -42.98 6.45 -12.54
CA VAL B 523 -42.59 5.48 -11.52
C VAL B 523 -43.83 5.03 -10.78
N THR B 524 -43.70 3.93 -10.03
CA THR B 524 -44.81 3.41 -9.24
C THR B 524 -44.69 3.93 -7.81
N GLY B 525 -45.74 4.61 -7.34
CA GLY B 525 -45.82 5.09 -5.98
C GLY B 525 -45.13 6.41 -5.72
N VAL B 526 -45.39 7.41 -6.56
CA VAL B 526 -44.67 8.69 -6.45
C VAL B 526 -44.96 9.34 -5.11
N GLY B 527 -46.23 9.39 -4.71
CA GLY B 527 -46.57 9.95 -3.41
C GLY B 527 -46.21 9.10 -2.22
N LYS B 528 -45.69 7.90 -2.45
CA LYS B 528 -45.34 6.97 -1.38
C LYS B 528 -43.84 6.81 -1.23
N ILE B 529 -43.03 7.58 -1.95
CA ILE B 529 -41.58 7.47 -1.89
C ILE B 529 -41.00 8.86 -1.70
N SER B 530 -39.80 8.91 -1.11
CA SER B 530 -39.12 10.17 -0.91
C SER B 530 -38.61 10.73 -2.24
N ARG B 531 -38.21 12.00 -2.21
CA ARG B 531 -37.66 12.66 -3.40
C ARG B 531 -36.37 11.98 -3.86
N SER B 532 -35.51 11.57 -2.92
CA SER B 532 -34.29 10.86 -3.28
C SER B 532 -34.61 9.53 -3.96
N GLU B 533 -35.54 8.77 -3.39
CA GLU B 533 -35.94 7.49 -3.98
C GLU B 533 -36.55 7.70 -5.36
N LEU B 534 -37.28 8.80 -5.55
CA LEU B 534 -37.84 9.13 -6.85
C LEU B 534 -36.73 9.34 -7.88
N ARG B 535 -35.71 10.12 -7.50
CA ARG B 535 -34.57 10.30 -8.38
C ARG B 535 -33.90 8.96 -8.68
N ARG B 536 -33.73 8.10 -7.66
CA ARG B 536 -33.07 6.82 -7.89
C ARG B 536 -33.85 5.95 -8.86
N GLU B 537 -35.19 5.93 -8.74
CA GLU B 537 -36.01 5.11 -9.63
C GLU B 537 -35.99 5.65 -11.06
N LEU B 538 -36.09 6.98 -11.21
CA LEU B 538 -36.01 7.56 -12.53
C LEU B 538 -34.65 7.25 -13.18
N ALA B 539 -33.57 7.37 -12.41
CA ALA B 539 -32.24 7.08 -12.92
C ALA B 539 -32.16 5.62 -13.37
N ARG B 540 -32.57 4.68 -12.51
CA ARG B 540 -32.57 3.28 -12.90
C ARG B 540 -33.35 3.06 -14.19
N ARG B 541 -34.47 3.76 -14.35
CA ARG B 541 -35.24 3.63 -15.60
C ARG B 541 -34.44 4.13 -16.79
N LEU B 542 -33.66 5.20 -16.62
CA LEU B 542 -32.86 5.74 -17.72
C LEU B 542 -31.56 4.99 -17.97
N ASP B 543 -31.23 3.99 -17.18
CA ASP B 543 -30.02 3.21 -17.41
C ASP B 543 -30.38 1.90 -18.10
#